data_7MDU
#
_entry.id   7MDU
#
loop_
_entity.id
_entity.type
_entity.pdbx_description
1 polymer 'Rh.33104 mAb.1 Heavy Chain'
2 polymer 'Surface protein gp120'
3 polymer 'RM20A3 mAb Heavy Chain'
4 polymer 'RM20A3 mAb Light Chain'
5 polymer 'Rh.33104 mAb.1 Light Chain'
6 polymer 'Transmembrane protein gp41'
7 branched 2-acetamido-2-deoxy-beta-D-glucopyranose-(1-4)-2-acetamido-2-deoxy-beta-D-glucopyranose
8 branched alpha-D-mannopyranose-(1-3)-[alpha-D-mannopyranose-(1-6)]beta-D-mannopyranose-(1-4)-2-acetamido-2-deoxy-beta-D-glucopyranose-(1-4)-2-acetamido-2-deoxy-beta-D-glucopyranose
9 non-polymer 2-acetamido-2-deoxy-beta-D-glucopyranose
#
loop_
_entity_poly.entity_id
_entity_poly.type
_entity_poly.pdbx_seq_one_letter_code
_entity_poly.pdbx_strand_id
1 'polypeptide(L)'
;QVQLQESGPGLVKPSETLSLTCAVSGGSFSGYSWGWIRQPPGKGLEWIGSIIGRTGSTAYNPSLTSRVTISRDTSNNQFS
LKLTSLTAADTAVYYCARQQSNFDFWGQGVLVTVSS
;
H
2 'polypeptide(L)'
;MKRGLCCVLLLCGAVFVSPSQEIHARFRRGARAENLWVTVYYGVPVWKDAETTLFCASDAKAYETEKHNVWATHACVPTD
PNPQEIHLENVTEEFNMWKNNMVEQMHEDIISLWDQSLKPCVKLTPLCVTLQCTNVTNNITDDMRGELKNCSFNMTTELR
DKKQKVYSLFYRLDVVQINENQGNRSNNSNKEYRLINCNTSAITQACPKVSFEPIPIHYCAPAGFAILKCKDKKFNGTGP
CPSVSTVQCTHGIKPVVSTQLLLNGSLAEEEVIIRSENITNNAKNILVQLNTPVQINCTRPNNNTVKSIRIGPGQAFYYT
GDIIGDIRQAHCNVSKATWNETLGKVVKQLRKHFGNNTIIRFAQSSGGDLEVTTHSFNCGGEFFYCNTSGLFNSTWISNT
SVQGSNSTGSNDSITLPCRIKQIINMWQRIGQAMYAPPIQGVIRCVSNITGLILTRDGGSTNSTTETFRPGGGDMRDNWR
SELYKYKVVKIEPLGVAPTRCKRRVVGRRRRRR
;
A
3 'polypeptide(L)'
;EVQLVETGGGLVQPGGSLKLSCRASGYTFSSFAMSWVRQAPGKGLEWVSLINDRGGLTFYVDSVKGRFTISRDNSKNTLS
LQMHSLRDGDTAVYYCATGGMSSALQSSKYYFDFWGQGALVTVSS
;
E
4 'polypeptide(L)'
;QSALTQPPSVSGSPGQSVTISCTGTSSDIGSYNYVSWYQQHPGKAPKLMIYDVTQRPSGVSDRFSGSKSGNTASLTISGL
QADDEADYYCSAYAGRQTFYIFGGGTRLTVL
;
F
5 'polypeptide(L)'
;DIQMTQSPSSLSASVGDTVTTTCRASQDISNDLAWYQQKPGKAPKPLLYYASNLESGVPSMFSGSGSGTDFTLTISSLQP
EDFASYFCQQYNSYPRTFGQGTKVEF
;
L
6 'polypeptide(L)'
;AVGIGAVSLGFLGAAGSTMGAASMTLTVQARNLLSGIVQQQSNLLRAPEPQQHLLKDTHWGIKQLQARVLAVEHYLRDQQ
LLGIWGCSGKLICCTNVPWNSSWSNRNLSEIWDNMTWLQWDKEISNYTQIIYGLLEESQNQQEKNEQDLLALD
;
B
#
# COMPACT_ATOMS: atom_id res chain seq x y z
N GLN A 1 9.67 -0.34 -36.20
CA GLN A 1 11.06 0.09 -36.26
C GLN A 1 11.23 1.50 -35.65
N VAL A 2 11.29 1.55 -34.32
CA VAL A 2 11.45 2.73 -33.48
C VAL A 2 12.89 3.18 -33.42
N GLN A 3 13.09 4.48 -33.56
CA GLN A 3 14.42 5.04 -33.52
C GLN A 3 14.49 6.14 -32.48
N LEU A 4 15.64 6.20 -31.80
CA LEU A 4 15.85 7.18 -30.75
C LEU A 4 17.11 7.98 -30.98
N GLN A 5 17.01 9.31 -30.86
CA GLN A 5 18.18 10.19 -31.02
C GLN A 5 18.40 11.11 -29.84
N GLU A 6 19.50 10.90 -29.12
CA GLU A 6 19.84 11.62 -27.88
C GLU A 6 20.08 13.13 -27.97
N SER A 7 20.71 13.58 -29.06
CA SER A 7 20.99 15.01 -29.28
C SER A 7 21.63 15.75 -28.10
N GLY A 8 22.70 15.22 -27.52
CA GLY A 8 23.33 15.90 -26.39
C GLY A 8 24.53 16.82 -26.77
N PRO A 9 24.73 17.97 -26.08
CA PRO A 9 25.84 18.91 -26.17
C PRO A 9 27.05 18.46 -25.36
N GLY A 10 28.22 19.04 -25.65
CA GLY A 10 29.35 18.89 -24.74
C GLY A 10 29.10 19.88 -23.59
N LEU A 11 29.62 19.57 -22.39
CA LEU A 11 29.42 20.41 -21.20
C LEU A 11 30.66 20.95 -20.52
N VAL A 12 30.42 21.99 -19.72
CA VAL A 12 31.40 22.62 -18.82
C VAL A 12 31.78 21.62 -17.73
N LYS A 13 33.07 21.47 -17.52
CA LYS A 13 33.49 20.47 -16.57
C LYS A 13 33.19 20.73 -15.08
N PRO A 14 33.66 21.80 -14.43
CA PRO A 14 33.48 21.94 -12.99
C PRO A 14 32.07 22.07 -12.41
N SER A 15 31.12 22.57 -13.18
CA SER A 15 29.75 22.72 -12.70
C SER A 15 28.84 23.30 -13.75
N GLU A 16 27.76 22.59 -14.02
CA GLU A 16 26.74 23.00 -14.97
C GLU A 16 25.56 22.08 -14.77
N THR A 17 24.50 22.31 -15.53
CA THR A 17 23.36 21.42 -15.54
C THR A 17 23.26 20.76 -16.92
N LEU A 18 23.24 19.45 -16.95
CA LEU A 18 23.18 18.67 -18.18
C LEU A 18 21.81 18.68 -18.71
N SER A 19 21.68 18.79 -20.03
CA SER A 19 20.37 18.70 -20.65
C SER A 19 20.43 17.92 -21.96
N LEU A 20 19.75 16.78 -22.00
CA LEU A 20 19.72 15.92 -23.17
C LEU A 20 18.29 15.73 -23.64
N THR A 21 18.00 16.07 -24.89
CA THR A 21 16.63 15.91 -25.35
C THR A 21 16.60 14.85 -26.43
N CYS A 22 15.87 13.74 -26.19
CA CYS A 22 15.79 12.59 -27.09
C CYS A 22 14.54 12.63 -27.94
N ALA A 23 14.76 12.57 -29.25
CA ALA A 23 13.69 12.54 -30.19
C ALA A 23 13.28 11.10 -30.42
N VAL A 24 11.99 10.89 -30.54
CA VAL A 24 11.44 9.57 -30.78
C VAL A 24 10.68 9.51 -32.09
N SER A 25 10.97 8.50 -32.91
CA SER A 25 10.22 8.35 -34.14
C SER A 25 9.95 6.88 -34.44
N GLY A 26 8.94 6.62 -35.27
CA GLY A 26 8.62 5.25 -35.67
C GLY A 26 7.65 4.56 -34.69
N GLY A 27 7.10 5.34 -33.78
CA GLY A 27 6.18 4.84 -32.76
C GLY A 27 5.71 6.01 -31.92
N SER A 28 5.09 5.74 -30.79
CA SER A 28 4.59 6.84 -29.96
C SER A 28 4.79 6.55 -28.49
N PHE A 29 4.30 7.45 -27.66
CA PHE A 29 4.48 7.43 -26.22
C PHE A 29 3.44 6.83 -25.32
N SER A 30 2.19 6.78 -25.71
CA SER A 30 1.15 6.40 -24.76
C SER A 30 1.25 5.01 -24.17
N GLY A 31 1.82 4.05 -24.87
CA GLY A 31 1.87 2.72 -24.29
C GLY A 31 3.18 2.35 -23.63
N TYR A 32 4.12 3.28 -23.52
CA TYR A 32 5.44 2.89 -23.04
C TYR A 32 6.07 3.78 -22.00
N SER A 33 7.05 3.23 -21.30
CA SER A 33 7.86 4.02 -20.38
C SER A 33 9.12 4.42 -21.13
N TRP A 34 9.65 5.57 -20.81
CA TRP A 34 10.83 6.08 -21.49
C TRP A 34 11.89 6.43 -20.50
N GLY A 35 13.15 6.25 -20.84
CA GLY A 35 14.11 6.68 -19.84
C GLY A 35 15.56 6.73 -20.25
N TRP A 36 16.38 6.99 -19.25
CA TRP A 36 17.79 7.16 -19.47
C TRP A 36 18.63 6.20 -18.68
N ILE A 37 19.66 5.70 -19.36
CA ILE A 37 20.68 4.77 -18.87
C ILE A 37 22.06 5.34 -19.08
N ARG A 38 22.90 5.26 -18.07
CA ARG A 38 24.22 5.82 -18.19
C ARG A 38 25.34 4.78 -18.13
N GLN A 39 26.40 5.02 -18.89
CA GLN A 39 27.56 4.13 -18.87
C GLN A 39 28.89 4.88 -18.87
N PRO A 40 29.49 5.16 -17.70
CA PRO A 40 30.76 5.83 -17.56
C PRO A 40 31.76 4.97 -18.30
N PRO A 41 32.81 5.50 -18.92
CA PRO A 41 33.80 4.71 -19.61
C PRO A 41 34.40 3.68 -18.67
N GLY A 42 34.52 2.45 -19.13
CA GLY A 42 35.11 1.37 -18.34
C GLY A 42 34.14 0.71 -17.36
N LYS A 43 32.92 1.20 -17.28
CA LYS A 43 31.92 0.69 -16.35
C LYS A 43 30.73 0.08 -17.06
N GLY A 44 29.93 -0.69 -16.32
CA GLY A 44 28.72 -1.24 -16.87
C GLY A 44 27.62 -0.21 -16.84
N LEU A 45 26.41 -0.67 -17.00
CA LEU A 45 25.26 0.18 -17.13
C LEU A 45 24.58 0.49 -15.82
N GLU A 46 24.04 1.69 -15.69
CA GLU A 46 23.19 2.03 -14.55
C GLU A 46 21.99 2.83 -15.02
N TRP A 47 20.88 2.63 -14.37
CA TRP A 47 19.68 3.38 -14.71
C TRP A 47 19.65 4.74 -14.05
N ILE A 48 19.22 5.78 -14.76
CA ILE A 48 19.07 7.09 -14.14
C ILE A 48 17.66 7.31 -13.70
N GLY A 49 16.73 7.02 -14.61
CA GLY A 49 15.33 7.28 -14.32
C GLY A 49 14.45 7.08 -15.53
N SER A 50 13.15 7.17 -15.33
CA SER A 50 12.17 7.01 -16.40
C SER A 50 10.87 7.76 -16.17
N ILE A 51 10.14 7.94 -17.27
CA ILE A 51 8.85 8.61 -17.29
C ILE A 51 7.78 7.79 -18.03
N ILE A 52 6.56 7.80 -17.52
CA ILE A 52 5.48 7.10 -18.18
C ILE A 52 4.90 7.97 -19.26
N GLY A 53 4.86 7.49 -20.49
CA GLY A 53 4.38 8.31 -21.59
C GLY A 53 2.95 8.82 -21.40
N ARG A 54 2.01 7.94 -21.12
CA ARG A 54 0.63 8.39 -20.97
C ARG A 54 0.35 9.36 -19.82
N THR A 55 0.95 9.16 -18.64
CA THR A 55 0.61 10.00 -17.51
C THR A 55 1.62 11.07 -17.12
N GLY A 56 2.87 10.92 -17.50
CA GLY A 56 3.92 11.87 -17.15
C GLY A 56 4.58 11.59 -15.80
N SER A 57 4.15 10.54 -15.13
CA SER A 57 4.71 10.18 -13.83
C SER A 57 6.12 9.63 -13.94
N THR A 58 6.98 9.94 -12.98
CA THR A 58 8.37 9.50 -13.04
C THR A 58 8.88 8.74 -11.85
N ALA A 59 10.02 8.10 -12.06
CA ALA A 59 10.78 7.38 -11.06
C ALA A 59 12.25 7.60 -11.31
N TYR A 60 13.03 7.69 -10.25
CA TYR A 60 14.46 7.95 -10.40
C TYR A 60 15.30 7.02 -9.58
N ASN A 61 16.54 6.86 -10.00
CA ASN A 61 17.52 6.10 -9.26
C ASN A 61 17.80 6.84 -7.96
N PRO A 62 17.59 6.24 -6.78
CA PRO A 62 17.74 6.83 -5.47
C PRO A 62 19.07 7.54 -5.23
N SER A 63 20.12 7.13 -5.92
CA SER A 63 21.41 7.75 -5.69
C SER A 63 21.56 9.19 -6.18
N LEU A 64 20.77 9.63 -7.15
CA LEU A 64 20.95 10.99 -7.62
C LEU A 64 19.66 11.78 -7.70
N THR A 65 18.63 11.36 -6.97
CA THR A 65 17.29 11.93 -7.15
C THR A 65 17.19 13.41 -6.90
N SER A 66 17.99 13.91 -5.98
CA SER A 66 17.95 15.32 -5.64
C SER A 66 18.50 16.19 -6.76
N ARG A 67 19.16 15.58 -7.74
CA ARG A 67 19.75 16.28 -8.84
C ARG A 67 19.09 16.00 -10.17
N VAL A 68 18.07 15.14 -10.22
CA VAL A 68 17.54 14.77 -11.53
C VAL A 68 16.08 14.99 -11.78
N THR A 69 15.81 15.56 -12.95
CA THR A 69 14.48 15.76 -13.45
C THR A 69 14.33 15.14 -14.83
N ILE A 70 13.25 14.42 -15.01
CA ILE A 70 12.90 13.85 -16.30
C ILE A 70 11.53 14.35 -16.64
N SER A 71 11.35 14.79 -17.86
CA SER A 71 10.06 15.31 -18.31
C SER A 71 9.84 14.99 -19.76
N ARG A 72 8.59 15.12 -20.21
CA ARG A 72 8.27 14.84 -21.61
C ARG A 72 7.23 15.74 -22.21
N ASP A 73 7.24 15.82 -23.53
CA ASP A 73 6.25 16.52 -24.33
C ASP A 73 5.97 15.68 -25.55
N THR A 74 4.78 15.09 -25.61
CA THR A 74 4.46 14.20 -26.70
C THR A 74 4.19 14.98 -27.98
N SER A 75 4.00 16.29 -27.88
CA SER A 75 3.69 17.10 -29.06
C SER A 75 4.81 16.99 -30.08
N ASN A 76 6.04 17.02 -29.60
CA ASN A 76 7.21 16.95 -30.44
C ASN A 76 7.82 15.55 -30.41
N ASN A 77 7.12 14.60 -29.81
CA ASN A 77 7.66 13.27 -29.60
C ASN A 77 9.04 13.31 -28.93
N GLN A 78 9.17 14.08 -27.86
CA GLN A 78 10.44 14.21 -27.16
C GLN A 78 10.37 14.03 -25.67
N PHE A 79 11.49 13.61 -25.09
CA PHE A 79 11.60 13.60 -23.65
C PHE A 79 13.00 13.99 -23.30
N SER A 80 13.21 14.46 -22.08
CA SER A 80 14.54 14.90 -21.73
C SER A 80 14.97 14.70 -20.31
N LEU A 81 16.29 14.66 -20.17
CA LEU A 81 16.99 14.52 -18.92
C LEU A 81 17.71 15.77 -18.49
N LYS A 82 17.49 16.18 -17.25
CA LYS A 82 18.16 17.32 -16.68
C LYS A 82 18.91 16.96 -15.38
N LEU A 83 20.24 17.14 -15.36
CA LEU A 83 21.03 16.79 -14.16
C LEU A 83 21.81 17.96 -13.61
N THR A 84 21.58 18.30 -12.36
CA THR A 84 22.24 19.45 -11.76
C THR A 84 23.55 19.08 -11.09
N SER A 85 24.36 20.10 -10.80
CA SER A 85 25.62 19.95 -10.07
C SER A 85 26.53 18.87 -10.64
N LEU A 86 26.77 18.92 -11.94
CA LEU A 86 27.59 17.91 -12.57
C LEU A 86 29.04 18.00 -12.10
N THR A 87 29.62 16.88 -11.66
CA THR A 87 31.01 16.91 -11.17
C THR A 87 31.90 15.67 -11.43
N ALA A 88 32.58 15.54 -12.60
CA ALA A 88 33.55 14.47 -12.93
C ALA A 88 33.01 13.06 -13.08
N ALA A 89 32.34 12.58 -12.05
CA ALA A 89 31.77 11.24 -11.96
C ALA A 89 30.62 11.10 -12.92
N ASP A 90 30.15 12.24 -13.40
CA ASP A 90 29.03 12.33 -14.30
C ASP A 90 29.49 12.21 -15.76
N THR A 91 30.80 11.99 -15.99
CA THR A 91 31.24 11.74 -17.37
C THR A 91 30.72 10.39 -17.75
N ALA A 92 30.00 10.31 -18.84
CA ALA A 92 29.45 9.04 -19.25
C ALA A 92 28.83 9.06 -20.58
N VAL A 93 28.56 7.89 -21.10
CA VAL A 93 27.74 7.83 -22.27
C VAL A 93 26.30 7.78 -21.81
N TYR A 94 25.50 8.68 -22.32
CA TYR A 94 24.11 8.72 -21.95
C TYR A 94 23.25 8.13 -23.03
N TYR A 95 22.50 7.10 -22.69
CA TYR A 95 21.66 6.44 -23.67
C TYR A 95 20.17 6.72 -23.42
N CYS A 96 19.43 6.90 -24.52
CA CYS A 96 17.99 7.05 -24.60
C CYS A 96 17.41 5.65 -24.88
N ALA A 97 16.41 5.25 -24.10
CA ALA A 97 15.82 3.94 -24.40
C ALA A 97 14.31 3.87 -24.10
N ARG A 98 13.63 2.99 -24.85
CA ARG A 98 12.20 2.70 -24.72
C ARG A 98 11.99 1.41 -23.96
N GLN A 99 11.16 1.49 -22.91
CA GLN A 99 10.86 0.36 -22.07
C GLN A 99 9.42 -0.18 -22.10
N GLN A 100 9.37 -1.47 -22.30
CA GLN A 100 8.19 -2.28 -22.31
C GLN A 100 8.59 -3.55 -21.59
N SER A 101 8.67 -3.46 -20.28
CA SER A 101 9.25 -4.49 -19.42
C SER A 101 10.77 -4.48 -19.57
N ASN A 102 11.22 -4.86 -20.74
CA ASN A 102 12.61 -4.81 -21.10
C ASN A 102 12.93 -3.47 -21.76
N PHE A 103 14.19 -3.25 -22.11
CA PHE A 103 14.53 -2.06 -22.89
C PHE A 103 14.73 -2.51 -24.31
N ASP A 104 13.71 -2.26 -25.11
CA ASP A 104 13.65 -2.76 -26.47
C ASP A 104 14.40 -1.91 -27.45
N PHE A 105 14.31 -0.62 -27.25
CA PHE A 105 14.96 0.26 -28.18
C PHE A 105 15.91 1.15 -27.51
N TRP A 106 17.06 1.26 -28.13
CA TRP A 106 18.14 2.08 -27.65
C TRP A 106 18.57 3.02 -28.74
N GLY A 107 19.05 4.19 -28.36
CA GLY A 107 19.58 5.15 -29.29
C GLY A 107 21.10 4.98 -29.41
N GLN A 108 21.76 6.05 -29.78
CA GLN A 108 23.19 6.05 -29.96
C GLN A 108 23.71 6.92 -28.88
N GLY A 109 24.19 6.33 -27.82
CA GLY A 109 24.47 7.12 -26.65
C GLY A 109 25.50 8.17 -26.93
N VAL A 110 25.37 9.26 -26.21
CA VAL A 110 26.26 10.39 -26.38
C VAL A 110 27.23 10.54 -25.25
N LEU A 111 28.50 10.69 -25.57
CA LEU A 111 29.46 10.88 -24.52
C LEU A 111 29.53 12.32 -24.14
N VAL A 112 29.27 12.54 -22.88
CA VAL A 112 29.30 13.85 -22.33
C VAL A 112 30.34 13.85 -21.25
N THR A 113 31.31 14.73 -21.36
CA THR A 113 32.34 14.76 -20.34
C THR A 113 32.02 15.85 -19.35
N VAL A 114 32.55 15.73 -18.11
CA VAL A 114 32.33 16.69 -17.03
C VAL A 114 33.70 16.86 -16.34
N ASN B 35 7.76 -7.20 37.29
CA ASN B 35 8.52 -6.16 36.61
C ASN B 35 7.59 -5.29 35.75
N LEU B 36 6.91 -5.90 34.75
CA LEU B 36 6.00 -5.24 33.81
C LEU B 36 4.58 -5.61 34.11
N TRP B 37 3.67 -4.71 33.76
CA TRP B 37 2.24 -4.82 34.01
C TRP B 37 1.42 -4.68 32.74
N VAL B 38 0.25 -5.28 32.71
CA VAL B 38 -0.60 -5.14 31.54
C VAL B 38 -1.23 -3.75 31.46
N THR B 39 -1.08 -3.09 30.32
CA THR B 39 -1.70 -1.79 30.10
C THR B 39 -2.64 -1.90 28.94
N VAL B 40 -3.83 -1.40 29.14
CA VAL B 40 -4.89 -1.46 28.16
C VAL B 40 -4.96 -0.19 27.37
N TYR B 41 -4.98 -0.31 26.05
CA TYR B 41 -5.07 0.84 25.18
C TYR B 41 -6.29 0.77 24.28
N TYR B 42 -6.94 1.90 24.06
CA TYR B 42 -8.07 1.93 23.15
C TYR B 42 -7.84 2.97 22.08
N GLY B 43 -7.99 2.59 20.83
CA GLY B 43 -7.72 3.48 19.70
C GLY B 43 -6.48 3.00 18.97
N VAL B 44 -6.15 1.74 19.17
CA VAL B 44 -5.00 1.12 18.57
C VAL B 44 -5.22 0.86 17.08
N PRO B 45 -4.33 1.29 16.18
CA PRO B 45 -4.47 1.18 14.74
C PRO B 45 -4.21 -0.20 14.17
N VAL B 46 -5.07 -1.14 14.50
CA VAL B 46 -4.97 -2.50 13.96
C VAL B 46 -6.26 -2.95 13.36
N TRP B 47 -6.20 -3.97 12.52
CA TRP B 47 -7.37 -4.47 11.86
C TRP B 47 -7.31 -5.92 11.48
N LYS B 48 -8.47 -6.45 11.11
CA LYS B 48 -8.66 -7.82 10.65
C LYS B 48 -9.45 -7.90 9.36
N ASP B 49 -9.21 -8.93 8.57
CA ASP B 49 -10.02 -9.07 7.36
C ASP B 49 -11.46 -9.22 7.78
N ALA B 50 -12.39 -8.61 7.06
CA ALA B 50 -13.77 -8.79 7.48
C ALA B 50 -14.77 -8.69 6.36
N GLU B 51 -15.92 -9.29 6.57
CA GLU B 51 -17.00 -9.19 5.61
C GLU B 51 -18.18 -8.49 6.20
N THR B 52 -18.48 -7.33 5.67
CA THR B 52 -19.60 -6.56 6.18
C THR B 52 -20.41 -6.08 5.02
N THR B 53 -21.51 -5.42 5.32
CA THR B 53 -22.39 -4.86 4.33
C THR B 53 -21.95 -3.46 3.98
N LEU B 54 -21.79 -3.20 2.71
CA LEU B 54 -21.40 -1.89 2.23
C LEU B 54 -22.62 -1.19 1.72
N PHE B 55 -22.56 0.12 1.64
CA PHE B 55 -23.68 0.85 1.07
C PHE B 55 -23.16 1.67 -0.09
N CYS B 56 -24.04 2.08 -1.02
CA CYS B 56 -23.68 2.88 -2.19
C CYS B 56 -23.85 4.36 -1.91
N ALA B 57 -23.09 5.12 -2.67
CA ALA B 57 -23.15 6.54 -2.68
C ALA B 57 -22.97 7.03 -4.11
N SER B 58 -23.49 8.20 -4.41
CA SER B 58 -23.35 8.75 -5.76
C SER B 58 -23.48 10.29 -5.82
N ASP B 59 -23.09 10.89 -6.98
CA ASP B 59 -23.19 12.32 -7.26
C ASP B 59 -24.53 12.61 -7.98
N HIS B 68 -34.99 9.70 -15.83
CA HIS B 68 -34.41 8.77 -14.87
C HIS B 68 -33.46 7.76 -15.56
N ASN B 69 -32.87 6.86 -14.75
CA ASN B 69 -31.87 5.85 -15.14
C ASN B 69 -32.11 4.58 -14.38
N VAL B 70 -31.70 3.47 -14.98
CA VAL B 70 -31.80 2.17 -14.33
C VAL B 70 -31.05 2.16 -13.04
N TRP B 71 -29.84 2.72 -13.10
CA TRP B 71 -28.94 2.84 -11.92
C TRP B 71 -29.48 3.98 -11.05
N ALA B 72 -30.61 3.75 -10.39
CA ALA B 72 -31.21 4.79 -9.63
C ALA B 72 -30.30 5.16 -8.51
N THR B 73 -30.26 6.45 -8.25
CA THR B 73 -29.46 7.04 -7.21
C THR B 73 -30.36 7.42 -6.07
N HIS B 74 -31.58 6.92 -6.14
CA HIS B 74 -32.63 7.18 -5.17
C HIS B 74 -32.33 6.54 -3.83
N ALA B 75 -31.72 5.36 -3.86
CA ALA B 75 -31.36 4.69 -2.61
C ALA B 75 -30.02 5.17 -2.00
N CYS B 76 -29.05 5.52 -2.86
CA CYS B 76 -27.68 5.87 -2.56
C CYS B 76 -27.52 7.20 -1.83
N VAL B 77 -26.55 7.18 -0.95
CA VAL B 77 -26.19 8.32 -0.15
C VAL B 77 -25.45 9.34 -1.01
N PRO B 78 -25.80 10.62 -1.02
CA PRO B 78 -25.07 11.60 -1.77
C PRO B 78 -23.64 11.55 -1.31
N THR B 79 -22.69 11.66 -2.22
CA THR B 79 -21.28 11.63 -1.84
C THR B 79 -20.78 12.88 -1.21
N ASP B 80 -19.65 12.74 -0.53
CA ASP B 80 -18.95 13.83 0.06
C ASP B 80 -18.36 14.70 -1.03
N PRO B 81 -18.15 16.02 -0.79
CA PRO B 81 -17.49 16.94 -1.70
C PRO B 81 -16.16 16.42 -2.21
N ASN B 82 -15.44 15.69 -1.36
CA ASN B 82 -14.19 15.11 -1.75
C ASN B 82 -13.90 13.91 -0.85
N PRO B 83 -13.23 12.88 -1.37
CA PRO B 83 -12.71 11.76 -0.63
C PRO B 83 -11.46 12.17 0.09
N GLN B 84 -11.06 11.36 1.07
CA GLN B 84 -9.77 11.55 1.67
C GLN B 84 -9.04 10.26 1.46
N GLU B 85 -7.74 10.34 1.40
CA GLU B 85 -6.93 9.16 1.29
C GLU B 85 -5.76 9.28 2.21
N ILE B 86 -5.57 8.28 3.04
CA ILE B 86 -4.47 8.33 3.97
C ILE B 86 -3.40 7.38 3.55
N HIS B 87 -2.23 7.86 3.26
CA HIS B 87 -1.19 6.95 2.84
C HIS B 87 -0.70 6.21 4.06
N LEU B 88 -0.52 4.89 4.00
CA LEU B 88 -0.03 4.22 5.18
C LEU B 88 1.44 3.84 4.99
N GLU B 89 2.34 4.63 5.54
CA GLU B 89 3.73 4.32 5.31
C GLU B 89 4.06 3.07 6.08
N ASN B 90 4.93 2.22 5.52
CA ASN B 90 5.45 0.99 6.12
C ASN B 90 4.39 -0.09 6.41
N VAL B 91 3.21 -0.06 5.74
CA VAL B 91 2.20 -1.08 5.89
C VAL B 91 2.15 -1.92 4.66
N THR B 92 2.43 -3.19 4.81
CA THR B 92 2.38 -4.09 3.69
C THR B 92 1.22 -4.96 4.00
N GLU B 93 0.33 -5.12 3.04
CA GLU B 93 -0.86 -5.89 3.29
C GLU B 93 -1.11 -6.85 2.16
N GLU B 94 -1.81 -7.93 2.44
CA GLU B 94 -2.13 -8.92 1.41
C GLU B 94 -3.55 -8.85 0.90
N PHE B 95 -3.67 -8.76 -0.41
CA PHE B 95 -4.95 -8.64 -1.11
C PHE B 95 -5.24 -9.87 -1.94
N ASN B 96 -6.52 -10.20 -2.10
CA ASN B 96 -6.92 -11.32 -2.95
C ASN B 96 -8.19 -10.98 -3.71
N MET B 97 -8.07 -10.63 -4.96
CA MET B 97 -9.20 -10.17 -5.75
C MET B 97 -10.18 -11.27 -6.10
N TRP B 98 -9.76 -12.51 -5.94
CA TRP B 98 -10.58 -13.63 -6.32
C TRP B 98 -11.38 -14.11 -5.14
N LYS B 99 -11.15 -13.52 -3.99
CA LYS B 99 -11.83 -13.84 -2.75
C LYS B 99 -12.13 -12.52 -2.11
N ASN B 100 -13.05 -11.80 -2.72
CA ASN B 100 -13.33 -10.44 -2.36
C ASN B 100 -14.81 -10.25 -2.35
N ASN B 101 -15.39 -10.06 -1.18
CA ASN B 101 -16.83 -10.04 -1.06
C ASN B 101 -17.44 -8.74 -1.55
N MET B 102 -16.61 -7.81 -1.97
CA MET B 102 -17.12 -6.58 -2.52
C MET B 102 -17.70 -6.88 -3.88
N VAL B 103 -17.20 -7.95 -4.52
CA VAL B 103 -17.63 -8.32 -5.84
C VAL B 103 -19.01 -8.89 -5.76
N GLU B 104 -19.23 -9.74 -4.78
CA GLU B 104 -20.54 -10.34 -4.62
C GLU B 104 -21.55 -9.30 -4.25
N GLN B 105 -21.19 -8.32 -3.42
CA GLN B 105 -22.20 -7.33 -3.12
C GLN B 105 -22.52 -6.49 -4.31
N MET B 106 -21.53 -6.13 -5.13
CA MET B 106 -21.86 -5.34 -6.28
C MET B 106 -22.77 -6.14 -7.17
N HIS B 107 -22.52 -7.42 -7.31
CA HIS B 107 -23.34 -8.22 -8.19
C HIS B 107 -24.79 -8.21 -7.72
N GLU B 108 -25.01 -8.41 -6.43
CA GLU B 108 -26.36 -8.41 -5.92
C GLU B 108 -27.03 -7.05 -6.07
N ASP B 109 -26.29 -5.96 -5.86
CA ASP B 109 -26.89 -4.64 -5.96
C ASP B 109 -27.24 -4.27 -7.37
N ILE B 110 -26.40 -4.64 -8.33
CA ILE B 110 -26.69 -4.30 -9.70
C ILE B 110 -27.90 -5.05 -10.17
N ILE B 111 -28.02 -6.32 -9.83
CA ILE B 111 -29.18 -7.04 -10.25
C ILE B 111 -30.40 -6.46 -9.59
N SER B 112 -30.32 -6.12 -8.31
CA SER B 112 -31.45 -5.55 -7.64
C SER B 112 -31.92 -4.25 -8.28
N LEU B 113 -31.00 -3.35 -8.62
CA LEU B 113 -31.41 -2.11 -9.24
C LEU B 113 -32.05 -2.37 -10.57
N TRP B 114 -31.50 -3.32 -11.31
CA TRP B 114 -32.03 -3.67 -12.60
C TRP B 114 -33.48 -4.06 -12.45
N ASP B 115 -33.77 -4.98 -11.53
CA ASP B 115 -35.13 -5.43 -11.37
C ASP B 115 -36.06 -4.37 -10.85
N GLN B 116 -35.58 -3.51 -9.96
CA GLN B 116 -36.47 -2.50 -9.44
C GLN B 116 -36.94 -1.56 -10.52
N SER B 117 -36.08 -1.28 -11.50
CA SER B 117 -36.43 -0.35 -12.55
C SER B 117 -37.55 -0.86 -13.44
N LEU B 118 -37.83 -2.17 -13.41
CA LEU B 118 -38.87 -2.72 -14.25
C LEU B 118 -40.18 -2.91 -13.52
N LYS B 119 -40.21 -2.64 -12.22
CA LYS B 119 -41.42 -2.90 -11.47
C LYS B 119 -42.64 -2.14 -11.97
N PRO B 120 -42.58 -0.85 -12.30
CA PRO B 120 -43.69 -0.09 -12.77
C PRO B 120 -43.97 -0.12 -14.28
N CYS B 121 -43.28 -1.00 -15.07
CA CYS B 121 -43.34 -0.98 -16.52
C CYS B 121 -44.40 -1.96 -17.03
N VAL B 122 -44.81 -1.76 -18.28
CA VAL B 122 -45.85 -2.57 -18.93
C VAL B 122 -45.48 -4.02 -19.17
N LYS B 123 -46.37 -4.91 -18.77
CA LYS B 123 -46.17 -6.33 -18.97
C LYS B 123 -46.77 -6.73 -20.29
N LEU B 124 -45.93 -7.13 -21.22
CA LEU B 124 -46.37 -7.40 -22.56
C LEU B 124 -46.79 -8.83 -22.74
N THR B 125 -47.82 -9.20 -22.05
CA THR B 125 -48.31 -10.54 -22.16
C THR B 125 -49.32 -10.70 -23.31
N PRO B 126 -50.07 -9.66 -23.75
CA PRO B 126 -50.98 -9.72 -24.85
C PRO B 126 -50.26 -10.02 -26.16
N LEU B 127 -48.94 -9.81 -26.20
CA LEU B 127 -48.18 -10.06 -27.42
C LEU B 127 -47.86 -11.50 -27.72
N CYS B 128 -48.04 -12.43 -26.75
CA CYS B 128 -47.67 -13.82 -26.98
C CYS B 128 -48.83 -14.53 -27.69
N VAL B 129 -48.90 -14.23 -28.99
CA VAL B 129 -49.91 -14.69 -29.93
C VAL B 129 -49.26 -15.23 -31.17
N THR B 130 -50.00 -15.98 -31.96
CA THR B 130 -49.45 -16.39 -33.25
C THR B 130 -49.25 -15.16 -34.11
N LEU B 131 -48.09 -15.04 -34.71
CA LEU B 131 -47.77 -13.95 -35.62
C LEU B 131 -47.78 -14.46 -37.04
N GLN B 132 -48.23 -13.66 -37.99
CA GLN B 132 -48.12 -13.99 -39.42
C GLN B 132 -46.97 -13.19 -39.96
N CYS B 133 -45.86 -13.81 -40.43
CA CYS B 133 -44.66 -13.06 -40.83
C CYS B 133 -44.14 -13.45 -42.21
N THR B 134 -43.67 -12.45 -42.92
CA THR B 134 -42.98 -12.59 -44.20
C THR B 134 -41.65 -11.87 -44.08
N ASN B 135 -40.69 -12.10 -45.02
CA ASN B 135 -39.38 -11.45 -45.02
C ASN B 135 -39.50 -10.00 -45.50
N VAL B 136 -38.63 -9.12 -44.96
CA VAL B 136 -38.48 -7.76 -45.47
C VAL B 136 -37.49 -7.88 -46.60
N THR B 137 -37.94 -7.52 -47.80
CA THR B 137 -37.12 -7.60 -48.98
C THR B 137 -36.97 -6.24 -49.62
N ASN B 138 -37.53 -5.24 -48.99
CA ASN B 138 -37.54 -3.92 -49.55
C ASN B 138 -36.27 -3.14 -49.23
N ASN B 139 -35.43 -2.87 -50.27
CA ASN B 139 -34.14 -2.15 -50.19
C ASN B 139 -33.15 -2.76 -49.17
N ILE B 140 -33.01 -4.11 -49.17
CA ILE B 140 -32.10 -4.83 -48.28
C ILE B 140 -30.78 -5.13 -48.95
N THR B 141 -29.72 -4.94 -48.20
CA THR B 141 -28.40 -5.24 -48.71
C THR B 141 -28.09 -6.73 -48.60
N ASP B 142 -26.89 -7.10 -49.01
CA ASP B 142 -26.48 -8.49 -49.07
C ASP B 142 -26.37 -9.23 -47.76
N ASP B 143 -26.08 -8.51 -46.68
CA ASP B 143 -25.92 -9.15 -45.38
C ASP B 143 -27.26 -9.27 -44.67
N MET B 144 -28.15 -8.33 -44.92
CA MET B 144 -29.44 -8.29 -44.27
C MET B 144 -30.45 -9.16 -44.98
N ARG B 145 -30.21 -10.45 -44.94
CA ARG B 145 -31.04 -11.40 -45.64
C ARG B 145 -31.74 -12.31 -44.69
N GLY B 146 -33.02 -12.05 -44.50
CA GLY B 146 -33.81 -12.81 -43.55
C GLY B 146 -33.65 -12.28 -42.14
N GLU B 147 -32.90 -11.19 -41.98
CA GLU B 147 -32.64 -10.62 -40.67
C GLU B 147 -33.85 -9.91 -40.11
N LEU B 148 -34.67 -9.32 -40.98
CA LEU B 148 -35.87 -8.67 -40.51
C LEU B 148 -37.07 -9.37 -41.06
N LYS B 149 -38.08 -9.47 -40.21
CA LYS B 149 -39.33 -10.05 -40.61
C LYS B 149 -40.43 -9.02 -40.36
N ASN B 150 -41.37 -8.94 -41.30
CA ASN B 150 -42.58 -8.08 -41.19
C ASN B 150 -43.73 -8.96 -40.73
N CYS B 151 -44.20 -8.72 -39.51
CA CYS B 151 -45.21 -9.52 -38.81
C CYS B 151 -46.51 -8.76 -38.61
N SER B 152 -47.59 -9.52 -38.62
CA SER B 152 -48.93 -9.02 -38.40
C SER B 152 -49.68 -9.86 -37.40
N PHE B 153 -50.35 -9.18 -36.48
CA PHE B 153 -51.10 -9.88 -35.44
C PHE B 153 -52.30 -9.11 -34.91
N ASN B 154 -53.25 -9.83 -34.24
CA ASN B 154 -54.45 -9.28 -33.61
C ASN B 154 -54.18 -8.97 -32.13
N MET B 155 -53.96 -7.69 -31.81
CA MET B 155 -53.55 -7.16 -30.51
C MET B 155 -54.74 -6.64 -29.74
N THR B 156 -54.65 -6.63 -28.42
CA THR B 156 -55.70 -6.09 -27.58
C THR B 156 -55.64 -4.60 -27.64
N THR B 157 -56.67 -3.95 -27.14
CA THR B 157 -56.70 -2.51 -27.10
C THR B 157 -57.29 -2.01 -25.80
N GLU B 158 -57.64 -0.74 -25.74
CA GLU B 158 -58.11 -0.15 -24.50
C GLU B 158 -59.37 -0.81 -23.98
N LEU B 159 -60.28 -1.17 -24.87
CA LEU B 159 -61.50 -1.80 -24.42
C LEU B 159 -61.39 -3.29 -24.63
N ARG B 160 -61.93 -4.04 -23.69
CA ARG B 160 -61.86 -5.49 -23.76
C ARG B 160 -62.63 -6.14 -24.89
N ASP B 161 -63.65 -5.49 -25.41
CA ASP B 161 -64.40 -6.05 -26.49
C ASP B 161 -63.89 -5.65 -27.86
N LYS B 162 -62.76 -4.96 -27.92
CA LYS B 162 -62.21 -4.53 -29.18
C LYS B 162 -60.83 -5.14 -29.45
N LYS B 163 -60.48 -5.28 -30.73
CA LYS B 163 -59.18 -5.77 -31.16
C LYS B 163 -58.65 -4.88 -32.25
N GLN B 164 -57.32 -4.87 -32.43
CA GLN B 164 -56.73 -4.10 -33.50
C GLN B 164 -55.68 -4.89 -34.26
N LYS B 165 -55.55 -4.64 -35.55
CA LYS B 165 -54.51 -5.33 -36.30
C LYS B 165 -53.27 -4.48 -36.33
N VAL B 166 -52.17 -5.08 -35.95
CA VAL B 166 -50.90 -4.41 -35.83
C VAL B 166 -49.87 -5.00 -36.74
N TYR B 167 -49.14 -4.14 -37.45
CA TYR B 167 -48.04 -4.65 -38.30
C TYR B 167 -46.73 -3.99 -37.86
N SER B 168 -45.74 -4.82 -37.54
CA SER B 168 -44.49 -4.38 -36.96
C SER B 168 -43.30 -5.13 -37.50
N LEU B 169 -42.12 -4.55 -37.37
CA LEU B 169 -40.95 -5.27 -37.80
C LEU B 169 -40.22 -5.85 -36.62
N PHE B 170 -39.74 -7.07 -36.76
CA PHE B 170 -38.97 -7.75 -35.75
C PHE B 170 -37.66 -8.27 -36.29
N TYR B 171 -36.68 -8.38 -35.42
CA TYR B 171 -35.45 -9.00 -35.84
C TYR B 171 -35.66 -10.49 -35.77
N ARG B 172 -35.03 -11.22 -36.65
CA ARG B 172 -35.15 -12.66 -36.69
C ARG B 172 -34.79 -13.33 -35.39
N LEU B 173 -33.82 -12.82 -34.67
CA LEU B 173 -33.38 -13.50 -33.47
C LEU B 173 -34.42 -13.53 -32.36
N ASP B 174 -35.44 -12.68 -32.44
CA ASP B 174 -36.47 -12.62 -31.43
C ASP B 174 -37.71 -13.44 -31.77
N VAL B 175 -37.75 -14.00 -32.97
CA VAL B 175 -38.94 -14.67 -33.42
C VAL B 175 -38.66 -16.11 -33.83
N VAL B 176 -39.45 -17.03 -33.34
CA VAL B 176 -39.25 -18.43 -33.65
C VAL B 176 -40.42 -19.03 -34.39
N GLN B 177 -40.11 -19.76 -35.44
CA GLN B 177 -41.10 -20.37 -36.31
C GLN B 177 -41.82 -21.51 -35.62
N ILE B 178 -43.14 -21.59 -35.85
CA ILE B 178 -43.96 -22.63 -35.23
C ILE B 178 -44.09 -23.90 -36.04
N ASN B 190 -45.99 -22.23 -42.62
CA ASN B 190 -44.62 -21.79 -42.35
C ASN B 190 -44.48 -20.27 -42.05
N LYS B 191 -45.57 -19.48 -42.22
CA LYS B 191 -45.62 -18.03 -41.92
C LYS B 191 -46.01 -17.80 -40.49
N GLU B 192 -46.30 -18.88 -39.77
CA GLU B 192 -46.69 -18.78 -38.38
C GLU B 192 -45.49 -18.85 -37.46
N TYR B 193 -45.35 -17.79 -36.66
CA TYR B 193 -44.27 -17.57 -35.71
C TYR B 193 -44.76 -17.13 -34.34
N ARG B 194 -43.94 -17.29 -33.33
CA ARG B 194 -44.22 -16.79 -31.98
C ARG B 194 -43.00 -16.08 -31.46
N LEU B 195 -43.14 -15.28 -30.42
CA LEU B 195 -41.95 -14.67 -29.88
C LEU B 195 -41.16 -15.71 -29.14
N ILE B 196 -39.84 -15.57 -29.16
CA ILE B 196 -38.97 -16.55 -28.54
C ILE B 196 -39.18 -16.77 -27.05
N ASN B 197 -39.63 -15.77 -26.32
CA ASN B 197 -39.86 -15.94 -24.88
C ASN B 197 -41.15 -16.67 -24.46
N CYS B 198 -42.07 -16.98 -25.41
CA CYS B 198 -43.39 -17.53 -25.09
C CYS B 198 -43.39 -18.86 -24.36
N ASN B 199 -42.41 -19.69 -24.56
CA ASN B 199 -42.49 -20.95 -23.83
C ASN B 199 -41.68 -20.95 -22.50
N THR B 200 -41.05 -19.81 -22.07
CA THR B 200 -40.29 -19.75 -20.81
C THR B 200 -40.66 -18.59 -19.89
N SER B 201 -41.12 -17.46 -20.40
CA SER B 201 -41.35 -16.33 -19.50
C SER B 201 -42.28 -15.24 -19.96
N ALA B 202 -42.76 -14.46 -19.00
CA ALA B 202 -43.46 -13.24 -19.31
C ALA B 202 -42.42 -12.19 -19.62
N ILE B 203 -42.72 -11.30 -20.54
CA ILE B 203 -41.76 -10.27 -20.87
C ILE B 203 -42.25 -8.88 -20.50
N THR B 204 -41.39 -8.08 -19.90
CA THR B 204 -41.72 -6.71 -19.48
C THR B 204 -41.06 -5.69 -20.38
N GLN B 205 -41.80 -4.70 -20.82
CA GLN B 205 -41.25 -3.66 -21.66
C GLN B 205 -40.45 -2.73 -20.82
N ALA B 206 -39.25 -2.43 -21.21
CA ALA B 206 -38.52 -1.46 -20.43
C ALA B 206 -39.20 -0.13 -20.58
N CYS B 207 -39.26 0.71 -19.53
CA CYS B 207 -39.86 2.03 -19.58
C CYS B 207 -39.05 2.95 -20.53
N PRO B 208 -39.67 3.57 -21.54
CA PRO B 208 -39.07 4.41 -22.57
C PRO B 208 -38.33 5.63 -22.06
N LYS B 209 -38.62 6.05 -20.85
CA LYS B 209 -37.98 7.21 -20.31
C LYS B 209 -36.84 6.91 -19.38
N VAL B 210 -36.49 5.64 -19.22
CA VAL B 210 -35.43 5.30 -18.29
C VAL B 210 -34.17 4.90 -19.02
N SER B 211 -33.11 5.67 -18.81
CA SER B 211 -31.82 5.47 -19.45
C SER B 211 -31.06 4.25 -19.00
N PHE B 212 -30.29 3.67 -19.92
CA PHE B 212 -29.43 2.53 -19.60
C PHE B 212 -27.97 2.93 -19.53
N GLU B 213 -27.68 4.21 -19.46
CA GLU B 213 -26.30 4.66 -19.37
C GLU B 213 -25.75 4.45 -17.95
N PRO B 214 -24.63 3.74 -17.75
CA PRO B 214 -24.02 3.52 -16.46
C PRO B 214 -23.65 4.82 -15.76
N ILE B 215 -23.92 4.86 -14.46
CA ILE B 215 -23.64 5.98 -13.59
C ILE B 215 -22.62 5.51 -12.58
N PRO B 216 -21.50 6.18 -12.35
CA PRO B 216 -20.52 5.75 -11.40
C PRO B 216 -21.11 5.59 -10.02
N ILE B 217 -20.81 4.47 -9.38
CA ILE B 217 -21.25 4.18 -8.04
C ILE B 217 -20.09 4.05 -7.12
N HIS B 218 -20.14 4.70 -5.97
CA HIS B 218 -19.06 4.61 -5.02
C HIS B 218 -19.48 3.67 -3.91
N TYR B 219 -18.66 2.70 -3.56
CA TYR B 219 -19.03 1.87 -2.42
C TYR B 219 -18.35 2.42 -1.22
N CYS B 220 -19.08 2.49 -0.08
CA CYS B 220 -18.59 3.07 1.17
C CYS B 220 -18.76 2.12 2.35
N ALA B 221 -17.74 2.11 3.20
CA ALA B 221 -17.74 1.29 4.40
C ALA B 221 -18.48 1.98 5.54
N PRO B 222 -19.13 1.22 6.42
CA PRO B 222 -19.77 1.67 7.63
C PRO B 222 -18.76 2.01 8.68
N ALA B 223 -19.18 2.77 9.68
CA ALA B 223 -18.28 3.09 10.76
C ALA B 223 -17.78 1.85 11.42
N GLY B 224 -16.50 1.85 11.76
CA GLY B 224 -15.88 0.71 12.41
C GLY B 224 -15.11 -0.15 11.40
N PHE B 225 -15.30 0.14 10.13
CA PHE B 225 -14.68 -0.53 9.01
C PHE B 225 -13.93 0.45 8.15
N ALA B 226 -13.01 -0.07 7.36
CA ALA B 226 -12.24 0.78 6.46
C ALA B 226 -11.92 0.05 5.18
N ILE B 227 -11.70 0.80 4.10
CA ILE B 227 -11.33 0.16 2.86
C ILE B 227 -9.87 0.43 2.57
N LEU B 228 -9.11 -0.62 2.38
CA LEU B 228 -7.72 -0.41 2.08
C LEU B 228 -7.57 -0.50 0.58
N LYS B 229 -6.81 0.40 0.03
CA LYS B 229 -6.55 0.44 -1.38
C LYS B 229 -5.11 0.12 -1.68
N CYS B 230 -4.87 -0.72 -2.70
CA CYS B 230 -3.53 -1.08 -3.18
C CYS B 230 -3.12 -0.12 -4.30
N LYS B 231 -2.03 0.59 -4.06
CA LYS B 231 -1.54 1.59 -4.98
C LYS B 231 -0.42 1.10 -5.86
N ASP B 232 0.00 -0.13 -5.67
CA ASP B 232 1.10 -0.64 -6.45
C ASP B 232 0.79 -0.69 -7.92
N LYS B 233 1.77 -0.37 -8.71
CA LYS B 233 1.58 -0.52 -10.13
C LYS B 233 1.96 -1.93 -10.39
N LYS B 234 1.43 -2.49 -11.44
CA LYS B 234 1.71 -3.87 -11.79
C LYS B 234 1.30 -4.82 -10.69
N PHE B 235 0.17 -4.54 -10.08
CA PHE B 235 -0.34 -5.41 -9.06
C PHE B 235 -1.35 -6.34 -9.72
N ASN B 236 -1.10 -7.67 -9.66
CA ASN B 236 -1.95 -8.67 -10.31
C ASN B 236 -3.01 -9.29 -9.37
N GLY B 237 -3.13 -8.75 -8.15
CA GLY B 237 -3.97 -9.37 -7.12
C GLY B 237 -3.25 -10.56 -6.50
N THR B 238 -3.86 -11.21 -5.52
CA THR B 238 -3.27 -12.43 -4.94
C THR B 238 -1.83 -12.17 -4.48
N GLY B 239 -1.56 -11.06 -3.78
CA GLY B 239 -0.20 -10.86 -3.25
C GLY B 239 -0.14 -9.88 -2.10
N PRO B 240 1.06 -9.70 -1.47
CA PRO B 240 1.50 -8.53 -0.75
C PRO B 240 1.51 -7.32 -1.65
N CYS B 241 1.11 -6.17 -1.11
CA CYS B 241 1.07 -4.87 -1.73
C CYS B 241 1.79 -3.91 -0.78
N PRO B 242 3.07 -3.58 -1.02
CA PRO B 242 3.88 -2.66 -0.25
C PRO B 242 3.38 -1.23 -0.21
N SER B 243 2.57 -0.78 -1.17
CA SER B 243 2.09 0.59 -1.06
C SER B 243 0.59 0.64 -0.97
N VAL B 244 0.09 0.95 0.22
CA VAL B 244 -1.34 0.98 0.45
C VAL B 244 -1.77 2.27 1.10
N SER B 245 -3.06 2.54 1.01
CA SER B 245 -3.66 3.68 1.63
C SER B 245 -5.07 3.39 2.09
N THR B 246 -5.61 4.24 2.93
CA THR B 246 -6.97 4.02 3.42
C THR B 246 -7.95 5.03 2.90
N VAL B 247 -9.06 4.53 2.43
CA VAL B 247 -10.13 5.37 1.94
C VAL B 247 -11.41 4.96 2.62
N GLN B 248 -12.40 5.83 2.62
CA GLN B 248 -13.68 5.40 3.17
C GLN B 248 -14.64 4.86 2.09
N CYS B 249 -14.51 5.39 0.84
CA CYS B 249 -15.30 5.09 -0.33
C CYS B 249 -14.35 4.79 -1.50
N THR B 250 -14.80 3.94 -2.40
CA THR B 250 -14.09 3.58 -3.62
C THR B 250 -14.27 4.68 -4.63
N HIS B 251 -13.54 4.60 -5.73
CA HIS B 251 -13.70 5.54 -6.81
C HIS B 251 -15.02 5.21 -7.42
N GLY B 252 -15.56 6.06 -8.27
CA GLY B 252 -16.82 5.67 -8.83
C GLY B 252 -16.58 4.60 -9.87
N ILE B 253 -17.37 3.56 -9.83
CA ILE B 253 -17.28 2.48 -10.78
C ILE B 253 -18.49 2.43 -11.64
N LYS B 254 -18.30 2.47 -12.94
CA LYS B 254 -19.46 2.41 -13.80
C LYS B 254 -19.83 0.97 -14.05
N PRO B 255 -21.07 0.55 -13.83
CA PRO B 255 -21.54 -0.79 -14.06
C PRO B 255 -21.78 -1.05 -15.52
N VAL B 256 -20.72 -1.07 -16.28
CA VAL B 256 -20.82 -1.30 -17.71
C VAL B 256 -20.98 -2.78 -17.90
N VAL B 257 -21.97 -3.19 -18.67
CA VAL B 257 -22.20 -4.60 -18.90
C VAL B 257 -21.77 -5.04 -20.29
N SER B 258 -20.87 -6.02 -20.34
CA SER B 258 -20.38 -6.54 -21.62
C SER B 258 -19.75 -7.91 -21.48
N THR B 259 -19.51 -8.55 -22.63
CA THR B 259 -18.78 -9.82 -22.69
C THR B 259 -17.53 -9.63 -23.50
N GLN B 260 -16.52 -10.51 -23.37
CA GLN B 260 -15.29 -10.49 -24.16
C GLN B 260 -14.40 -9.25 -24.00
N LEU B 261 -14.91 -8.09 -24.37
CA LEU B 261 -14.18 -6.85 -24.25
C LEU B 261 -14.86 -5.97 -23.24
N LEU B 262 -14.05 -5.54 -22.28
CA LEU B 262 -14.45 -4.70 -21.19
C LEU B 262 -14.28 -3.29 -21.63
N LEU B 263 -15.37 -2.55 -21.57
CA LEU B 263 -15.41 -1.19 -22.01
C LEU B 263 -15.45 -0.21 -20.85
N ASN B 264 -14.89 1.00 -21.06
CA ASN B 264 -14.92 2.19 -20.22
C ASN B 264 -14.45 1.98 -18.76
N GLY B 265 -13.43 1.14 -18.53
CA GLY B 265 -12.86 0.87 -17.20
C GLY B 265 -11.58 1.64 -17.02
N SER B 266 -10.82 1.25 -16.01
CA SER B 266 -9.57 1.91 -15.75
C SER B 266 -8.46 1.30 -16.57
N LEU B 267 -7.37 2.05 -16.71
CA LEU B 267 -6.20 1.59 -17.41
C LEU B 267 -5.01 1.41 -16.52
N ALA B 268 -4.12 0.51 -16.92
CA ALA B 268 -2.86 0.27 -16.26
C ALA B 268 -1.97 1.45 -16.57
N GLU B 269 -1.04 1.82 -15.69
CA GLU B 269 -0.19 2.96 -16.05
C GLU B 269 1.10 2.60 -16.75
N GLU B 270 1.64 1.42 -16.51
CA GLU B 270 2.92 1.12 -17.14
C GLU B 270 2.90 0.00 -18.15
N GLU B 271 2.27 -1.10 -17.80
CA GLU B 271 2.29 -2.27 -18.65
C GLU B 271 0.96 -2.95 -18.64
N VAL B 272 0.71 -3.76 -19.64
CA VAL B 272 -0.49 -4.54 -19.66
C VAL B 272 -0.40 -5.55 -18.54
N ILE B 273 -1.45 -5.68 -17.75
CA ILE B 273 -1.41 -6.61 -16.63
C ILE B 273 -2.28 -7.82 -16.83
N ILE B 274 -1.68 -8.99 -16.70
CA ILE B 274 -2.38 -10.25 -16.85
C ILE B 274 -2.77 -10.74 -15.46
N ARG B 275 -4.06 -10.98 -15.21
CA ARG B 275 -4.49 -11.43 -13.91
C ARG B 275 -5.36 -12.69 -14.01
N SER B 276 -5.13 -13.65 -13.13
CA SER B 276 -5.96 -14.83 -13.12
C SER B 276 -5.95 -15.46 -11.75
N GLU B 277 -6.98 -16.24 -11.43
CA GLU B 277 -6.98 -16.95 -10.14
C GLU B 277 -5.85 -17.99 -10.03
N ASN B 278 -5.61 -18.72 -11.13
CA ASN B 278 -4.59 -19.75 -11.30
C ASN B 278 -4.28 -19.84 -12.81
N ILE B 279 -3.15 -19.25 -13.25
CA ILE B 279 -2.79 -19.11 -14.67
C ILE B 279 -2.56 -20.44 -15.39
N THR B 280 -2.15 -21.47 -14.66
CA THR B 280 -1.89 -22.76 -15.26
C THR B 280 -3.12 -23.63 -15.32
N ASN B 281 -4.25 -23.16 -14.81
CA ASN B 281 -5.48 -23.91 -14.84
C ASN B 281 -6.29 -23.41 -16.02
N ASN B 282 -6.43 -24.20 -17.08
CA ASN B 282 -7.07 -23.70 -18.29
C ASN B 282 -8.58 -23.49 -18.12
N ALA B 283 -9.12 -23.89 -16.99
CA ALA B 283 -10.53 -23.71 -16.72
C ALA B 283 -10.84 -22.32 -16.19
N LYS B 284 -9.81 -21.53 -15.90
CA LYS B 284 -9.99 -20.21 -15.35
C LYS B 284 -9.95 -19.12 -16.41
N ASN B 285 -10.57 -18.00 -16.12
CA ASN B 285 -10.51 -16.89 -17.06
C ASN B 285 -9.31 -16.04 -16.74
N ILE B 286 -8.81 -15.36 -17.75
CA ILE B 286 -7.72 -14.42 -17.64
C ILE B 286 -8.22 -13.03 -17.92
N LEU B 287 -7.98 -12.12 -17.01
CA LEU B 287 -8.40 -10.76 -17.24
C LEU B 287 -7.19 -9.96 -17.65
N VAL B 288 -7.33 -9.16 -18.68
CA VAL B 288 -6.21 -8.38 -19.14
C VAL B 288 -6.51 -6.92 -19.07
N GLN B 289 -5.68 -6.17 -18.37
CA GLN B 289 -5.87 -4.73 -18.27
C GLN B 289 -4.90 -3.99 -19.16
N LEU B 290 -5.42 -3.19 -20.07
CA LEU B 290 -4.59 -2.50 -21.02
C LEU B 290 -4.05 -1.22 -20.44
N ASN B 291 -2.90 -0.74 -20.95
CA ASN B 291 -2.36 0.52 -20.46
C ASN B 291 -2.67 1.71 -21.36
N THR B 292 -3.42 1.44 -22.41
CA THR B 292 -3.89 2.42 -23.37
C THR B 292 -5.28 1.99 -23.77
N PRO B 293 -6.21 2.88 -24.07
CA PRO B 293 -7.51 2.55 -24.55
C PRO B 293 -7.43 2.19 -26.01
N VAL B 294 -8.35 1.36 -26.46
CA VAL B 294 -8.51 1.15 -27.89
C VAL B 294 -9.87 1.65 -28.24
N GLN B 295 -9.98 2.59 -29.13
CA GLN B 295 -11.29 3.13 -29.39
C GLN B 295 -12.08 2.29 -30.36
N ILE B 296 -13.35 2.09 -30.02
CA ILE B 296 -14.28 1.35 -30.88
C ILE B 296 -15.53 2.21 -31.18
N ASN B 297 -15.88 2.33 -32.48
CA ASN B 297 -17.00 3.12 -33.01
C ASN B 297 -18.13 2.21 -33.51
N CYS B 298 -19.29 2.19 -32.81
CA CYS B 298 -20.41 1.30 -33.13
C CYS B 298 -21.61 2.07 -33.64
N THR B 299 -22.28 1.45 -34.61
CA THR B 299 -23.47 2.05 -35.17
C THR B 299 -24.56 1.09 -35.61
N ARG B 300 -25.77 1.63 -35.60
CA ARG B 300 -26.98 0.99 -36.07
C ARG B 300 -27.48 1.94 -37.14
N PRO B 301 -27.02 1.79 -38.38
CA PRO B 301 -27.17 2.73 -39.48
C PRO B 301 -28.58 2.94 -40.00
N ASN B 302 -29.48 2.03 -39.71
CA ASN B 302 -30.83 2.14 -40.23
C ASN B 302 -31.61 3.21 -39.48
N ASN B 303 -32.33 4.09 -40.22
CA ASN B 303 -33.17 5.16 -39.69
C ASN B 303 -34.59 4.62 -39.45
N ASN B 304 -34.90 4.29 -38.17
CA ASN B 304 -36.17 3.70 -37.76
C ASN B 304 -37.24 4.70 -37.43
N THR B 305 -38.47 4.30 -37.71
CA THR B 305 -39.64 5.04 -37.31
C THR B 305 -40.34 4.19 -36.30
N VAL B 306 -40.53 4.76 -35.12
CA VAL B 306 -41.14 4.07 -34.01
C VAL B 306 -42.58 4.47 -33.84
N LYS B 307 -43.42 3.47 -33.71
CA LYS B 307 -44.84 3.62 -33.54
C LYS B 307 -45.27 3.07 -32.21
N SER B 308 -46.41 3.51 -31.73
CA SER B 308 -46.90 2.92 -30.51
C SER B 308 -48.39 2.77 -30.55
N ILE B 309 -48.85 1.79 -29.81
CA ILE B 309 -50.26 1.52 -29.66
C ILE B 309 -50.65 1.35 -28.23
N ARG B 310 -51.90 1.66 -27.93
CA ARG B 310 -52.40 1.40 -26.61
C ARG B 310 -52.94 0.01 -26.64
N ILE B 311 -52.56 -0.77 -25.66
CA ILE B 311 -52.92 -2.18 -25.60
C ILE B 311 -53.78 -2.51 -24.40
N GLY B 312 -54.07 -1.49 -23.63
CA GLY B 312 -54.82 -1.65 -22.42
C GLY B 312 -55.06 -0.30 -21.76
N PRO B 313 -55.63 -0.28 -20.57
CA PRO B 313 -56.04 0.89 -19.84
C PRO B 313 -54.89 1.67 -19.29
N GLY B 314 -54.30 2.49 -20.16
CA GLY B 314 -53.14 3.27 -19.80
C GLY B 314 -51.83 2.58 -20.10
N GLN B 315 -51.86 1.54 -20.92
CA GLN B 315 -50.63 0.83 -21.23
C GLN B 315 -50.34 0.88 -22.70
N ALA B 316 -49.06 1.00 -23.06
CA ALA B 316 -48.72 1.08 -24.46
C ALA B 316 -47.46 0.35 -24.79
N PHE B 317 -47.45 -0.15 -26.00
CA PHE B 317 -46.38 -0.91 -26.61
C PHE B 317 -45.69 -0.15 -27.71
N TYR B 318 -44.36 -0.20 -27.69
CA TYR B 318 -43.56 0.45 -28.71
C TYR B 318 -42.92 -0.53 -29.64
N TYR B 319 -42.99 -0.23 -30.93
CA TYR B 319 -42.43 -1.11 -31.93
C TYR B 319 -41.93 -0.40 -33.15
N THR B 320 -41.07 -1.07 -33.92
CA THR B 320 -40.60 -0.46 -35.13
C THR B 320 -41.67 -0.57 -36.16
N GLY B 321 -42.03 0.55 -36.73
CA GLY B 321 -43.05 0.64 -37.74
C GLY B 321 -42.42 0.34 -39.06
N ASP B 322 -41.42 1.14 -39.39
CA ASP B 322 -40.74 0.97 -40.67
C ASP B 322 -39.33 1.52 -40.63
N ILE B 323 -38.62 1.34 -41.75
CA ILE B 323 -37.27 1.87 -41.98
C ILE B 323 -37.34 2.84 -43.13
N ILE B 324 -36.88 4.05 -42.88
CA ILE B 324 -36.95 5.15 -43.83
C ILE B 324 -36.06 5.00 -45.05
N GLY B 325 -34.84 4.58 -44.84
CA GLY B 325 -33.88 4.44 -45.93
C GLY B 325 -33.66 2.97 -46.25
N ASP B 326 -32.47 2.67 -46.74
CA ASP B 326 -32.10 1.31 -47.09
C ASP B 326 -31.73 0.55 -45.83
N ILE B 327 -31.74 -0.77 -45.91
CA ILE B 327 -31.46 -1.61 -44.77
C ILE B 327 -30.07 -2.23 -44.80
N ARG B 328 -29.27 -1.83 -43.81
CA ARG B 328 -27.88 -2.21 -43.66
C ARG B 328 -27.60 -2.92 -42.35
N GLN B 329 -26.48 -3.62 -42.29
CA GLN B 329 -26.09 -4.34 -41.10
C GLN B 329 -25.40 -3.43 -40.09
N ALA B 330 -25.71 -3.63 -38.81
CA ALA B 330 -25.08 -2.91 -37.72
C ALA B 330 -23.64 -3.36 -37.63
N HIS B 331 -22.76 -2.49 -37.21
CA HIS B 331 -21.36 -2.86 -37.13
C HIS B 331 -20.54 -1.98 -36.18
N CYS B 332 -19.31 -2.45 -35.81
CA CYS B 332 -18.33 -1.71 -34.99
C CYS B 332 -16.94 -1.67 -35.64
N ASN B 333 -16.29 -0.53 -35.55
CA ASN B 333 -14.94 -0.37 -36.10
C ASN B 333 -13.88 -0.14 -35.02
N VAL B 334 -12.69 -0.76 -35.23
CA VAL B 334 -11.44 -0.49 -34.47
C VAL B 334 -10.37 -0.26 -35.52
N SER B 335 -9.35 0.54 -35.25
CA SER B 335 -8.34 0.68 -36.29
C SER B 335 -7.45 -0.53 -36.31
N LYS B 336 -6.87 -0.85 -37.47
CA LYS B 336 -5.98 -2.00 -37.47
C LYS B 336 -4.72 -1.71 -36.73
N ALA B 337 -4.18 -0.52 -36.87
CA ALA B 337 -2.92 -0.26 -36.23
C ALA B 337 -3.03 -0.33 -34.73
N THR B 338 -4.10 0.22 -34.17
CA THR B 338 -4.17 0.19 -32.74
C THR B 338 -4.42 -1.21 -32.26
N TRP B 339 -5.32 -1.94 -32.90
CA TRP B 339 -5.58 -3.28 -32.43
C TRP B 339 -4.36 -4.18 -32.51
N ASN B 340 -3.58 -4.12 -33.63
CA ASN B 340 -2.40 -4.94 -33.84
C ASN B 340 -1.28 -4.63 -32.82
N GLU B 341 -1.11 -3.33 -32.43
CA GLU B 341 -0.16 -2.89 -31.40
C GLU B 341 -0.60 -3.42 -30.05
N THR B 342 -1.91 -3.36 -29.80
CA THR B 342 -2.47 -3.82 -28.56
C THR B 342 -2.22 -5.28 -28.37
N LEU B 343 -2.43 -6.10 -29.39
CA LEU B 343 -2.15 -7.49 -29.18
C LEU B 343 -0.69 -7.72 -28.99
N GLY B 344 0.18 -7.02 -29.70
CA GLY B 344 1.58 -7.30 -29.47
C GLY B 344 1.95 -7.08 -28.02
N LYS B 345 1.38 -6.04 -27.39
CA LYS B 345 1.65 -5.79 -25.98
C LYS B 345 1.13 -6.92 -25.10
N VAL B 346 -0.07 -7.42 -25.41
CA VAL B 346 -0.66 -8.49 -24.63
C VAL B 346 0.17 -9.74 -24.73
N VAL B 347 0.63 -10.05 -25.91
CA VAL B 347 1.39 -11.25 -26.13
C VAL B 347 2.69 -11.20 -25.36
N LYS B 348 3.39 -10.07 -25.39
CA LYS B 348 4.65 -9.99 -24.66
C LYS B 348 4.44 -10.31 -23.19
N GLN B 349 3.34 -9.84 -22.62
CA GLN B 349 3.09 -10.13 -21.23
C GLN B 349 2.69 -11.57 -20.99
N LEU B 350 1.97 -12.18 -21.92
CA LEU B 350 1.58 -13.56 -21.73
C LEU B 350 2.80 -14.45 -21.66
N ARG B 351 3.86 -14.07 -22.38
CA ARG B 351 5.10 -14.84 -22.43
C ARG B 351 5.78 -14.97 -21.07
N LYS B 352 5.35 -14.17 -20.10
CA LYS B 352 5.89 -14.29 -18.77
C LYS B 352 5.49 -15.60 -18.14
N HIS B 353 4.27 -16.04 -18.42
CA HIS B 353 3.74 -17.24 -17.81
C HIS B 353 3.87 -18.41 -18.74
N PHE B 354 3.94 -18.12 -20.03
CA PHE B 354 4.06 -19.13 -21.05
C PHE B 354 5.31 -18.83 -21.82
N GLY B 355 6.44 -19.18 -21.23
CA GLY B 355 7.73 -18.79 -21.77
C GLY B 355 8.33 -19.85 -22.66
N ASN B 356 9.67 -19.84 -22.82
CA ASN B 356 10.47 -20.72 -23.69
C ASN B 356 10.09 -20.61 -25.19
N ASN B 357 9.84 -19.36 -25.68
CA ASN B 357 9.54 -19.02 -27.09
C ASN B 357 8.40 -19.80 -27.72
N THR B 358 7.31 -19.93 -26.99
CA THR B 358 6.15 -20.64 -27.49
C THR B 358 5.36 -19.83 -28.45
N ILE B 359 4.47 -20.52 -29.11
CA ILE B 359 3.62 -19.89 -30.07
C ILE B 359 2.33 -19.50 -29.40
N ILE B 360 1.98 -18.25 -29.55
CA ILE B 360 0.75 -17.75 -28.96
C ILE B 360 -0.25 -17.46 -30.03
N ARG B 361 -1.33 -18.19 -29.99
CA ARG B 361 -2.33 -18.05 -31.02
C ARG B 361 -3.64 -17.55 -30.47
N PHE B 362 -4.29 -16.70 -31.24
CA PHE B 362 -5.61 -16.23 -30.89
C PHE B 362 -6.62 -16.82 -31.84
N ALA B 363 -7.76 -17.19 -31.29
CA ALA B 363 -8.82 -17.81 -32.06
C ALA B 363 -10.18 -17.40 -31.55
N GLN B 364 -11.19 -17.71 -32.34
CA GLN B 364 -12.58 -17.39 -32.08
C GLN B 364 -13.18 -18.19 -30.95
N SER B 365 -14.22 -17.64 -30.33
CA SER B 365 -14.89 -18.37 -29.28
C SER B 365 -15.44 -19.66 -29.85
N SER B 366 -15.27 -20.73 -29.10
CA SER B 366 -15.65 -22.08 -29.53
C SER B 366 -17.12 -22.45 -29.61
N GLY B 367 -17.99 -21.76 -28.92
CA GLY B 367 -19.40 -22.13 -28.98
C GLY B 367 -20.14 -21.72 -27.74
N GLY B 368 -21.44 -21.97 -27.71
CA GLY B 368 -22.27 -21.56 -26.59
C GLY B 368 -23.30 -20.57 -27.07
N ASP B 369 -23.99 -19.94 -26.12
CA ASP B 369 -25.06 -19.00 -26.43
C ASP B 369 -24.46 -17.77 -27.06
N LEU B 370 -25.27 -17.00 -27.76
CA LEU B 370 -24.79 -15.82 -28.46
C LEU B 370 -24.13 -14.89 -27.48
N GLU B 371 -24.65 -14.80 -26.27
CA GLU B 371 -24.05 -13.91 -25.31
C GLU B 371 -22.57 -14.21 -25.05
N VAL B 372 -22.17 -15.48 -25.02
CA VAL B 372 -20.78 -15.76 -24.72
C VAL B 372 -19.90 -15.74 -25.97
N THR B 373 -20.43 -16.18 -27.11
CA THR B 373 -19.60 -16.27 -28.30
C THR B 373 -19.43 -14.94 -28.98
N THR B 374 -20.32 -14.02 -28.70
CA THR B 374 -20.33 -12.73 -29.33
C THR B 374 -20.14 -11.61 -28.31
N HIS B 375 -19.70 -10.43 -28.77
CA HIS B 375 -19.48 -9.28 -27.91
C HIS B 375 -20.75 -8.54 -27.66
N SER B 376 -21.25 -8.67 -26.45
CA SER B 376 -22.50 -8.06 -26.08
C SER B 376 -22.30 -6.75 -25.41
N PHE B 377 -23.08 -5.75 -25.80
CA PHE B 377 -23.08 -4.45 -25.13
C PHE B 377 -24.34 -3.64 -25.43
N ASN B 378 -24.62 -2.68 -24.57
CA ASN B 378 -25.70 -1.72 -24.76
C ASN B 378 -25.18 -0.41 -25.37
N CYS B 379 -25.64 -0.06 -26.60
CA CYS B 379 -25.23 1.11 -27.37
C CYS B 379 -26.41 2.06 -27.55
N GLY B 380 -26.50 3.05 -26.69
CA GLY B 380 -27.58 4.01 -26.79
C GLY B 380 -28.94 3.44 -26.41
N GLY B 381 -28.99 2.35 -25.65
CA GLY B 381 -30.23 1.70 -25.30
C GLY B 381 -30.48 0.49 -26.19
N GLU B 382 -29.76 0.35 -27.28
CA GLU B 382 -29.95 -0.80 -28.15
C GLU B 382 -29.05 -1.94 -27.73
N PHE B 383 -29.45 -3.17 -27.98
CA PHE B 383 -28.61 -4.32 -27.60
C PHE B 383 -27.95 -5.04 -28.75
N PHE B 384 -26.63 -4.85 -28.81
CA PHE B 384 -25.76 -5.35 -29.85
C PHE B 384 -25.02 -6.62 -29.47
N TYR B 385 -24.86 -7.47 -30.46
CA TYR B 385 -24.11 -8.71 -30.40
C TYR B 385 -23.13 -8.75 -31.57
N CYS B 386 -21.86 -8.29 -31.37
CA CYS B 386 -20.86 -8.10 -32.41
C CYS B 386 -19.89 -9.27 -32.52
N ASN B 387 -19.62 -9.64 -33.73
CA ASN B 387 -18.74 -10.75 -34.02
C ASN B 387 -17.28 -10.29 -34.05
N THR B 388 -16.46 -10.83 -33.13
CA THR B 388 -15.07 -10.49 -32.86
C THR B 388 -14.07 -11.45 -33.49
N SER B 389 -14.52 -12.24 -34.45
CA SER B 389 -13.63 -13.19 -35.12
C SER B 389 -12.54 -12.50 -35.87
N GLY B 390 -12.75 -11.23 -36.19
CA GLY B 390 -11.79 -10.42 -36.92
C GLY B 390 -10.74 -9.84 -35.99
N LEU B 391 -10.94 -9.96 -34.68
CA LEU B 391 -10.00 -9.41 -33.74
C LEU B 391 -9.09 -10.50 -33.20
N PHE B 392 -9.60 -11.71 -33.13
CA PHE B 392 -8.84 -12.81 -32.56
C PHE B 392 -8.58 -13.91 -33.57
N ASN B 393 -7.77 -13.58 -34.57
CA ASN B 393 -7.39 -14.43 -35.71
C ASN B 393 -5.92 -14.16 -36.07
N SER B 394 -4.98 -14.70 -35.27
CA SER B 394 -3.53 -14.44 -35.45
C SER B 394 -2.63 -15.44 -34.76
N THR B 395 -1.38 -15.53 -35.23
CA THR B 395 -0.38 -16.34 -34.56
C THR B 395 0.86 -15.51 -34.30
N TRP B 396 1.34 -15.52 -33.06
CA TRP B 396 2.50 -14.75 -32.69
C TRP B 396 3.68 -15.60 -32.25
N ILE B 397 4.84 -15.23 -32.74
CA ILE B 397 6.11 -15.85 -32.40
C ILE B 397 7.10 -14.76 -32.04
N SER B 398 8.25 -15.13 -31.48
CA SER B 398 9.24 -14.10 -31.15
C SER B 398 9.83 -13.30 -32.35
N ASN B 399 9.84 -13.88 -33.58
CA ASN B 399 10.31 -13.27 -34.82
C ASN B 399 9.14 -12.52 -35.49
N THR B 400 9.13 -11.18 -35.36
CA THR B 400 8.06 -10.30 -35.84
C THR B 400 8.57 -8.89 -36.20
N SER B 401 7.82 -8.19 -37.10
CA SER B 401 8.00 -6.81 -37.62
C SER B 401 9.20 -6.02 -37.02
N SER B 410 -1.98 4.94 -42.23
CA SER B 410 -3.14 4.23 -42.75
C SER B 410 -4.33 4.33 -41.76
N ASN B 411 -5.55 4.50 -42.31
CA ASN B 411 -6.83 4.58 -41.58
C ASN B 411 -7.59 3.27 -41.70
N ASP B 412 -6.86 2.25 -42.11
CA ASP B 412 -7.41 0.93 -42.31
C ASP B 412 -7.99 0.47 -41.01
N SER B 413 -9.14 -0.16 -41.07
CA SER B 413 -9.83 -0.61 -39.89
C SER B 413 -10.47 -1.96 -40.05
N ILE B 414 -10.87 -2.51 -38.92
CA ILE B 414 -11.51 -3.80 -38.86
C ILE B 414 -12.96 -3.60 -38.55
N THR B 415 -13.82 -4.09 -39.43
CA THR B 415 -15.24 -3.94 -39.21
C THR B 415 -15.80 -5.24 -38.70
N LEU B 416 -16.47 -5.15 -37.58
CA LEU B 416 -17.10 -6.26 -36.93
C LEU B 416 -18.59 -6.19 -37.24
N PRO B 417 -19.20 -7.18 -37.89
CA PRO B 417 -20.61 -7.19 -38.18
C PRO B 417 -21.29 -7.39 -36.85
N CYS B 418 -22.49 -6.83 -36.65
CA CYS B 418 -23.29 -6.98 -35.41
C CYS B 418 -24.74 -7.36 -35.67
N ARG B 419 -25.28 -8.12 -34.76
CA ARG B 419 -26.68 -8.48 -34.77
C ARG B 419 -27.36 -7.74 -33.65
N ILE B 420 -28.66 -7.52 -33.78
CA ILE B 420 -29.41 -6.82 -32.75
C ILE B 420 -30.61 -7.61 -32.26
N LYS B 421 -30.84 -7.58 -30.94
CA LYS B 421 -31.99 -8.27 -30.36
C LYS B 421 -32.82 -7.34 -29.49
N GLN B 422 -34.14 -7.55 -29.48
CA GLN B 422 -34.99 -6.82 -28.57
C GLN B 422 -35.40 -7.62 -27.35
N ILE B 423 -35.32 -8.95 -27.40
CA ILE B 423 -35.68 -9.72 -26.21
C ILE B 423 -34.43 -10.16 -25.51
N ILE B 424 -34.25 -9.60 -24.35
CA ILE B 424 -33.04 -9.76 -23.59
C ILE B 424 -33.23 -10.56 -22.31
N ASN B 425 -32.38 -11.55 -22.11
CA ASN B 425 -32.43 -12.35 -20.89
C ASN B 425 -31.12 -12.14 -20.15
N MET B 426 -31.12 -11.29 -19.14
CA MET B 426 -29.88 -10.93 -18.47
C MET B 426 -29.51 -11.72 -17.24
N TRP B 427 -28.23 -11.59 -16.90
CA TRP B 427 -27.59 -12.09 -15.71
C TRP B 427 -27.64 -13.59 -15.62
N GLN B 428 -27.79 -14.23 -16.76
CA GLN B 428 -27.88 -15.68 -16.91
C GLN B 428 -29.11 -16.26 -16.22
N ARG B 429 -30.11 -15.45 -15.96
CA ARG B 429 -31.31 -15.94 -15.34
C ARG B 429 -32.27 -16.45 -16.37
N ILE B 430 -33.14 -17.34 -15.95
CA ILE B 430 -34.19 -17.88 -16.79
C ILE B 430 -35.53 -17.64 -16.12
N GLY B 431 -36.50 -17.17 -16.89
CA GLY B 431 -37.83 -16.91 -16.35
C GLY B 431 -38.18 -15.44 -16.37
N GLN B 432 -37.19 -14.61 -16.62
CA GLN B 432 -37.41 -13.19 -16.71
C GLN B 432 -36.93 -12.78 -18.08
N ALA B 433 -37.56 -11.78 -18.64
CA ALA B 433 -37.13 -11.25 -19.91
C ALA B 433 -37.52 -9.82 -20.02
N MET B 434 -36.76 -9.08 -20.77
CA MET B 434 -37.07 -7.70 -21.03
C MET B 434 -37.22 -7.45 -22.49
N TYR B 435 -38.17 -6.61 -22.84
CA TYR B 435 -38.32 -6.17 -24.19
C TYR B 435 -37.75 -4.79 -24.29
N ALA B 436 -36.80 -4.62 -25.16
CA ALA B 436 -36.17 -3.34 -25.34
C ALA B 436 -36.89 -2.58 -26.44
N PRO B 437 -37.56 -1.45 -26.16
CA PRO B 437 -38.29 -0.67 -27.11
C PRO B 437 -37.29 -0.25 -28.14
N PRO B 438 -37.69 -0.06 -29.37
CA PRO B 438 -36.87 0.40 -30.45
C PRO B 438 -36.61 1.86 -30.25
N ILE B 439 -35.54 2.31 -30.82
CA ILE B 439 -35.16 3.71 -30.78
C ILE B 439 -35.25 4.34 -32.14
N GLN B 440 -35.99 5.44 -32.19
CA GLN B 440 -36.21 6.21 -33.40
C GLN B 440 -34.95 6.87 -33.87
N GLY B 441 -34.72 6.90 -35.17
CA GLY B 441 -33.52 7.54 -35.66
C GLY B 441 -32.40 6.54 -35.87
N VAL B 442 -31.17 7.03 -35.77
CA VAL B 442 -29.94 6.28 -36.06
C VAL B 442 -29.07 6.32 -34.81
N ILE B 443 -28.48 5.18 -34.46
CA ILE B 443 -27.66 5.10 -33.25
C ILE B 443 -26.19 5.04 -33.49
N ARG B 444 -25.46 5.88 -32.79
CA ARG B 444 -24.01 5.84 -32.84
C ARG B 444 -23.47 6.05 -31.42
N CYS B 445 -22.44 5.26 -31.01
CA CYS B 445 -21.77 5.37 -29.71
C CYS B 445 -20.28 5.07 -29.88
N VAL B 446 -19.48 5.72 -29.06
CA VAL B 446 -18.05 5.49 -29.07
C VAL B 446 -17.57 5.08 -27.71
N SER B 447 -16.90 3.95 -27.62
CA SER B 447 -16.42 3.42 -26.36
C SER B 447 -14.93 3.18 -26.36
N ASN B 448 -14.32 3.07 -25.15
CA ASN B 448 -12.91 2.74 -24.94
C ASN B 448 -12.78 1.30 -24.47
N ILE B 449 -12.01 0.45 -25.17
CA ILE B 449 -11.73 -0.92 -24.76
C ILE B 449 -10.60 -0.80 -23.77
N THR B 450 -10.83 -1.24 -22.54
CA THR B 450 -9.85 -1.10 -21.49
C THR B 450 -9.33 -2.44 -21.03
N GLY B 451 -10.01 -3.51 -21.41
CA GLY B 451 -9.51 -4.81 -21.03
C GLY B 451 -10.21 -5.95 -21.75
N LEU B 452 -9.63 -7.13 -21.61
CA LEU B 452 -10.10 -8.34 -22.27
C LEU B 452 -10.37 -9.49 -21.32
N ILE B 453 -11.30 -10.37 -21.70
CA ILE B 453 -11.47 -11.62 -20.98
C ILE B 453 -11.07 -12.76 -21.91
N LEU B 454 -10.04 -13.52 -21.53
CA LEU B 454 -9.56 -14.63 -22.34
C LEU B 454 -9.61 -15.96 -21.64
N THR B 455 -9.76 -17.03 -22.39
CA THR B 455 -9.67 -18.36 -21.82
C THR B 455 -8.58 -19.06 -22.57
N ARG B 456 -8.08 -20.17 -22.05
CA ARG B 456 -7.03 -20.88 -22.75
C ARG B 456 -7.43 -22.31 -23.02
N ASP B 457 -7.08 -22.82 -24.19
CA ASP B 457 -7.40 -24.20 -24.53
C ASP B 457 -6.61 -25.18 -23.68
N GLY B 458 -7.21 -26.33 -23.41
CA GLY B 458 -6.48 -27.36 -22.70
C GLY B 458 -5.71 -28.16 -23.72
N GLY B 459 -5.07 -29.23 -23.31
CA GLY B 459 -4.28 -30.01 -24.25
C GLY B 459 -3.16 -30.72 -23.54
N SER B 460 -2.24 -31.30 -24.31
CA SER B 460 -1.12 -32.04 -23.74
C SER B 460 -0.10 -31.04 -23.23
N THR B 461 0.85 -31.54 -22.46
CA THR B 461 1.89 -30.72 -21.87
C THR B 461 3.13 -30.69 -22.74
N ASN B 462 3.06 -31.39 -23.87
CA ASN B 462 4.18 -31.46 -24.80
C ASN B 462 4.00 -30.42 -25.89
N SER B 463 2.94 -29.65 -25.79
CA SER B 463 2.61 -28.64 -26.75
C SER B 463 3.57 -27.48 -26.69
N THR B 464 3.83 -26.90 -27.86
CA THR B 464 4.66 -25.73 -27.98
C THR B 464 3.82 -24.51 -28.32
N THR B 465 2.50 -24.71 -28.40
CA THR B 465 1.54 -23.67 -28.76
C THR B 465 0.40 -23.56 -27.75
N GLU B 466 0.08 -22.34 -27.39
CA GLU B 466 -1.05 -22.07 -26.51
C GLU B 466 -2.07 -21.29 -27.31
N THR B 467 -3.34 -21.59 -27.12
CA THR B 467 -4.39 -20.85 -27.82
C THR B 467 -5.32 -20.17 -26.87
N PHE B 468 -5.56 -18.90 -27.14
CA PHE B 468 -6.42 -18.06 -26.35
C PHE B 468 -7.66 -17.69 -27.13
N ARG B 469 -8.79 -17.68 -26.44
CA ARG B 469 -10.05 -17.33 -27.07
C ARG B 469 -10.79 -16.34 -26.19
N PRO B 470 -11.62 -15.47 -26.71
CA PRO B 470 -12.47 -14.59 -25.95
C PRO B 470 -13.41 -15.37 -25.05
N GLY B 471 -13.64 -14.87 -23.85
CA GLY B 471 -14.57 -15.48 -22.91
C GLY B 471 -15.52 -14.45 -22.28
N GLY B 472 -16.21 -14.85 -21.23
CA GLY B 472 -17.13 -13.94 -20.58
C GLY B 472 -18.46 -14.59 -20.28
N GLY B 473 -19.44 -13.74 -19.94
CA GLY B 473 -20.80 -14.15 -19.60
C GLY B 473 -21.05 -14.16 -18.10
N ASP B 474 -19.99 -14.13 -17.30
CA ASP B 474 -20.15 -14.09 -15.86
C ASP B 474 -19.74 -12.74 -15.41
N MET B 475 -20.71 -11.94 -15.08
CA MET B 475 -20.53 -10.55 -14.80
C MET B 475 -19.66 -10.25 -13.63
N ARG B 476 -19.50 -11.20 -12.75
CA ARG B 476 -18.67 -10.91 -11.62
C ARG B 476 -17.25 -10.68 -12.05
N ASP B 477 -16.83 -11.27 -13.17
CA ASP B 477 -15.47 -11.07 -13.59
C ASP B 477 -15.25 -9.72 -14.20
N ASN B 478 -16.33 -9.00 -14.52
CA ASN B 478 -16.13 -7.70 -15.07
C ASN B 478 -15.90 -6.77 -13.93
N TRP B 479 -16.73 -6.94 -12.89
CA TRP B 479 -16.62 -6.17 -11.61
C TRP B 479 -15.21 -6.31 -11.06
N ARG B 480 -14.67 -7.52 -11.05
CA ARG B 480 -13.40 -7.77 -10.44
C ARG B 480 -12.32 -6.89 -11.02
N SER B 481 -12.51 -6.39 -12.25
CA SER B 481 -11.47 -5.60 -12.88
C SER B 481 -11.40 -4.21 -12.30
N GLU B 482 -12.41 -3.79 -11.56
CA GLU B 482 -12.40 -2.46 -10.95
C GLU B 482 -12.16 -2.56 -9.46
N LEU B 483 -12.62 -3.64 -8.86
CA LEU B 483 -12.53 -3.84 -7.42
C LEU B 483 -11.29 -4.59 -6.95
N TYR B 484 -10.40 -4.92 -7.85
CA TYR B 484 -9.23 -5.71 -7.51
C TYR B 484 -8.30 -5.05 -6.53
N LYS B 485 -8.33 -3.75 -6.46
CA LYS B 485 -7.43 -3.04 -5.59
C LYS B 485 -8.02 -2.73 -4.24
N TYR B 486 -9.26 -3.15 -3.97
CA TYR B 486 -9.83 -2.79 -2.68
C TYR B 486 -10.06 -3.98 -1.76
N LYS B 487 -9.82 -3.74 -0.48
CA LYS B 487 -10.06 -4.72 0.56
C LYS B 487 -10.84 -4.14 1.73
N VAL B 488 -11.76 -4.88 2.32
CA VAL B 488 -12.47 -4.39 3.48
C VAL B 488 -11.96 -4.99 4.76
N VAL B 489 -11.62 -4.14 5.72
CA VAL B 489 -11.14 -4.64 7.00
C VAL B 489 -11.93 -4.04 8.12
N LYS B 490 -11.93 -4.72 9.25
CA LYS B 490 -12.56 -4.28 10.47
C LYS B 490 -11.55 -3.70 11.38
N ILE B 491 -11.88 -2.60 12.02
CA ILE B 491 -10.97 -1.99 12.94
C ILE B 491 -11.16 -2.61 14.30
N GLU B 492 -10.05 -2.98 14.92
CA GLU B 492 -10.07 -3.61 16.23
C GLU B 492 -9.27 -2.76 17.21
N PRO B 493 -9.86 -1.70 17.77
CA PRO B 493 -9.22 -0.65 18.53
C PRO B 493 -8.74 -1.00 19.92
N LEU B 494 -9.15 -2.13 20.47
CA LEU B 494 -8.75 -2.46 21.82
C LEU B 494 -7.59 -3.42 21.84
N GLY B 495 -6.60 -3.17 22.68
CA GLY B 495 -5.49 -4.09 22.78
C GLY B 495 -4.64 -3.87 24.02
N VAL B 496 -3.71 -4.78 24.26
CA VAL B 496 -2.87 -4.69 25.45
C VAL B 496 -1.41 -4.83 25.13
N ALA B 497 -0.56 -4.33 26.02
CA ALA B 497 0.89 -4.46 25.93
C ALA B 497 1.49 -4.22 27.30
N PRO B 498 2.66 -4.76 27.64
CA PRO B 498 3.34 -4.50 28.89
C PRO B 498 3.95 -3.13 28.99
N THR B 499 3.87 -2.52 30.16
CA THR B 499 4.52 -1.25 30.46
C THR B 499 5.02 -1.31 31.89
N ARG B 500 5.69 -0.27 32.32
CA ARG B 500 6.12 -0.15 33.71
C ARG B 500 5.11 0.51 34.68
N CYS B 501 3.90 0.83 34.21
CA CYS B 501 2.84 1.53 34.92
C CYS B 501 1.96 0.59 35.74
N LYS B 502 1.90 0.83 37.04
CA LYS B 502 1.09 -0.02 37.89
C LYS B 502 -0.13 0.72 38.42
N ARG B 503 -1.29 0.11 38.37
CA ARG B 503 -2.45 0.79 38.93
C ARG B 503 -2.27 1.00 40.41
N ARG B 504 -2.64 2.17 40.90
CA ARG B 504 -2.48 2.42 42.33
C ARG B 504 -3.42 1.57 43.15
N VAL B 505 -2.85 0.92 44.13
CA VAL B 505 -3.55 0.06 45.07
C VAL B 505 -3.79 0.77 46.36
N VAL B 506 -4.98 0.61 46.91
CA VAL B 506 -5.29 1.26 48.16
C VAL B 506 -5.65 0.24 49.23
N VAL C 2 28.75 12.64 23.76
CA VAL C 2 27.74 13.38 24.53
C VAL C 2 28.42 14.44 25.43
N GLN C 3 27.89 15.68 25.36
CA GLN C 3 28.33 16.83 26.17
C GLN C 3 27.15 17.56 26.76
N LEU C 4 27.37 18.06 27.97
CA LEU C 4 26.43 18.90 28.68
C LEU C 4 27.22 20.12 29.11
N VAL C 5 26.79 21.28 28.66
CA VAL C 5 27.52 22.51 28.89
C VAL C 5 26.74 23.49 29.71
N GLU C 6 27.31 23.91 30.81
CA GLU C 6 26.60 24.83 31.66
C GLU C 6 27.13 26.23 31.63
N THR C 7 26.20 27.16 31.61
CA THR C 7 26.43 28.58 31.66
C THR C 7 25.48 29.15 32.67
N GLY C 8 25.67 30.38 33.09
CA GLY C 8 24.70 30.91 34.03
C GLY C 8 25.31 31.96 34.92
N GLY C 9 24.52 32.41 35.89
CA GLY C 9 24.94 33.46 36.80
C GLY C 9 25.97 33.00 37.83
N GLY C 10 26.60 33.98 38.48
CA GLY C 10 27.65 33.76 39.48
C GLY C 10 27.25 34.20 40.89
N LEU C 11 27.71 35.39 41.29
CA LEU C 11 27.45 35.92 42.62
C LEU C 11 26.25 36.85 42.73
N VAL C 12 25.42 36.55 43.71
CA VAL C 12 24.25 37.34 44.03
C VAL C 12 24.26 37.61 45.54
N GLN C 13 23.55 38.64 45.96
CA GLN C 13 23.42 38.89 47.37
C GLN C 13 22.21 38.08 47.85
N PRO C 14 22.13 37.69 49.12
CA PRO C 14 21.01 36.95 49.68
C PRO C 14 19.70 37.64 49.40
N GLY C 15 18.74 36.82 49.05
CA GLY C 15 17.38 37.24 48.72
C GLY C 15 17.22 37.49 47.22
N GLY C 16 18.32 37.48 46.47
CA GLY C 16 18.26 37.76 45.05
C GLY C 16 17.93 36.54 44.18
N SER C 17 18.09 36.72 42.87
CA SER C 17 17.75 35.67 41.94
C SER C 17 18.86 35.45 40.90
N LEU C 18 19.03 34.20 40.53
CA LEU C 18 19.96 33.78 39.49
C LEU C 18 19.33 32.70 38.62
N LYS C 19 19.75 32.62 37.37
CA LYS C 19 19.28 31.55 36.52
C LYS C 19 20.46 30.81 35.92
N LEU C 20 20.32 29.50 35.79
CA LEU C 20 21.29 28.64 35.14
C LEU C 20 20.72 28.02 33.88
N SER C 21 21.58 27.77 32.90
CA SER C 21 21.16 27.06 31.70
C SER C 21 22.17 25.95 31.37
N CYS C 22 21.68 24.84 30.80
CA CYS C 22 22.45 23.70 30.35
C CYS C 22 22.05 23.32 28.92
N ARG C 23 23.04 23.28 28.05
CA ARG C 23 22.79 22.88 26.68
C ARG C 23 23.39 21.54 26.49
N ALA C 24 22.80 20.72 25.64
CA ALA C 24 23.43 19.43 25.48
C ALA C 24 23.28 18.91 24.09
N SER C 25 24.20 18.04 23.72
CA SER C 25 24.20 17.43 22.40
C SER C 25 24.89 16.07 22.36
N GLY C 26 24.72 15.38 21.22
CA GLY C 26 25.31 14.07 20.99
C GLY C 26 24.33 12.92 21.24
N TYR C 27 23.12 13.27 21.58
CA TYR C 27 22.07 12.32 21.87
C TYR C 27 20.74 12.99 21.61
N THR C 28 19.67 12.22 21.58
CA THR C 28 18.38 12.87 21.43
C THR C 28 18.01 13.45 22.77
N PHE C 29 17.91 14.77 22.82
CA PHE C 29 17.66 15.48 24.06
C PHE C 29 16.34 15.07 24.65
N SER C 30 15.36 15.05 23.78
CA SER C 30 13.98 14.77 24.11
C SER C 30 13.71 13.35 24.57
N SER C 31 14.69 12.45 24.48
CA SER C 31 14.46 11.08 24.94
C SER C 31 14.75 10.93 26.41
N PHE C 32 15.33 11.95 27.04
CA PHE C 32 15.72 11.82 28.43
C PHE C 32 15.22 12.83 29.41
N ALA C 33 14.96 12.32 30.60
CA ALA C 33 14.62 13.13 31.76
C ALA C 33 15.92 13.73 32.26
N MET C 34 15.85 14.87 32.94
CA MET C 34 17.07 15.50 33.44
C MET C 34 16.95 16.01 34.86
N SER C 35 18.10 16.19 35.49
CA SER C 35 18.17 16.60 36.87
C SER C 35 19.26 17.56 37.25
N TRP C 36 19.00 18.36 38.28
CA TRP C 36 20.02 19.21 38.83
C TRP C 36 20.44 18.64 40.17
N VAL C 37 21.75 18.58 40.35
CA VAL C 37 22.43 18.10 41.54
C VAL C 37 23.40 19.18 41.96
N ARG C 38 23.55 19.45 43.24
CA ARG C 38 24.51 20.47 43.61
C ARG C 38 25.49 19.98 44.64
N GLN C 39 26.67 20.58 44.64
CA GLN C 39 27.70 20.27 45.60
C GLN C 39 28.26 21.50 46.30
N ALA C 40 28.03 21.62 47.60
CA ALA C 40 28.55 22.78 48.31
C ALA C 40 30.06 22.66 48.24
N PRO C 41 30.85 23.73 48.29
CA PRO C 41 32.30 23.68 48.19
C PRO C 41 32.99 22.67 49.10
N GLY C 42 32.47 22.45 50.30
CA GLY C 42 33.10 21.49 51.22
C GLY C 42 32.29 20.21 51.43
N LYS C 43 31.27 19.97 50.60
CA LYS C 43 30.39 18.83 50.82
C LYS C 43 30.29 17.82 49.67
N GLY C 44 29.40 16.85 49.87
CA GLY C 44 29.12 15.81 48.90
C GLY C 44 27.99 16.26 48.00
N LEU C 45 27.31 15.32 47.38
CA LEU C 45 26.29 15.65 46.41
C LEU C 45 24.90 15.68 47.01
N GLU C 46 24.08 16.61 46.54
CA GLU C 46 22.68 16.70 46.95
C GLU C 46 21.76 16.82 45.74
N TRP C 47 20.71 16.02 45.69
CA TRP C 47 19.77 16.15 44.60
C TRP C 47 18.91 17.37 44.80
N VAL C 48 18.66 18.15 43.75
CA VAL C 48 17.84 19.34 43.89
C VAL C 48 16.50 19.21 43.16
N SER C 49 16.55 18.84 41.89
CA SER C 49 15.33 18.79 41.11
C SER C 49 15.38 17.81 39.95
N LEU C 50 14.19 17.44 39.47
CA LEU C 50 14.01 16.51 38.35
C LEU C 50 12.88 16.90 37.43
N ILE C 51 13.12 16.83 36.13
CA ILE C 51 12.10 17.11 35.13
C ILE C 51 12.00 15.96 34.16
N ASN C 52 10.80 15.65 33.68
CA ASN C 52 10.69 14.58 32.72
C ASN C 52 11.13 15.02 31.35
N ASP C 53 11.01 14.10 30.39
CA ASP C 53 11.46 14.31 29.03
C ASP C 53 10.57 15.25 28.25
N ARG C 54 9.28 15.16 28.50
CA ARG C 54 8.31 16.02 27.85
C ARG C 54 8.37 17.44 28.39
N GLY C 55 8.66 17.57 29.68
CA GLY C 55 8.76 18.83 30.37
C GLY C 55 7.57 19.15 31.27
N GLY C 56 6.53 18.34 31.21
CA GLY C 56 5.34 18.55 32.02
C GLY C 56 5.42 18.13 33.49
N LEU C 57 6.35 17.26 33.86
CA LEU C 57 6.40 16.83 35.26
C LEU C 57 7.66 17.22 35.94
N THR C 58 7.52 17.90 37.07
CA THR C 58 8.67 18.32 37.83
C THR C 58 8.59 17.91 39.27
N PHE C 59 9.76 17.64 39.84
CA PHE C 59 9.88 17.28 41.24
C PHE C 59 11.01 18.08 41.87
N TYR C 60 10.88 18.36 43.15
CA TYR C 60 11.91 19.12 43.88
C TYR C 60 12.23 18.53 45.23
N VAL C 61 13.42 18.82 45.70
CA VAL C 61 13.81 18.52 47.06
C VAL C 61 13.09 19.54 47.91
N ASP C 62 12.61 19.14 49.09
CA ASP C 62 11.85 20.05 49.94
C ASP C 62 12.50 21.39 50.17
N SER C 63 13.81 21.43 50.29
CA SER C 63 14.49 22.66 50.60
C SER C 63 14.25 23.77 49.60
N VAL C 64 13.91 23.45 48.36
CA VAL C 64 13.74 24.50 47.37
C VAL C 64 12.33 24.58 46.81
N LYS C 65 11.39 23.87 47.41
CA LYS C 65 10.05 23.86 46.82
C LYS C 65 9.40 25.22 46.68
N GLY C 66 9.65 26.12 47.60
CA GLY C 66 9.02 27.41 47.47
C GLY C 66 9.84 28.42 46.67
N ARG C 67 11.02 28.03 46.16
CA ARG C 67 11.82 29.02 45.46
C ARG C 67 12.44 28.63 44.11
N PHE C 68 12.54 27.34 43.78
CA PHE C 68 13.16 26.98 42.48
C PHE C 68 12.18 26.49 41.43
N THR C 69 12.45 26.84 40.18
CA THR C 69 11.68 26.33 39.05
C THR C 69 12.56 25.62 38.02
N ILE C 70 12.17 24.42 37.63
CA ILE C 70 12.93 23.66 36.64
C ILE C 70 12.11 23.59 35.39
N SER C 71 12.73 23.84 34.25
CA SER C 71 12.00 23.76 33.00
C SER C 71 12.89 23.37 31.85
N ARG C 72 12.30 22.95 30.76
CA ARG C 72 13.11 22.61 29.60
C ARG C 72 12.41 23.00 28.33
N ASP C 73 13.20 23.16 27.28
CA ASP C 73 12.67 23.43 25.97
C ASP C 73 13.39 22.55 24.98
N ASN C 74 12.71 21.52 24.55
CA ASN C 74 13.33 20.52 23.75
C ASN C 74 13.73 21.03 22.38
N SER C 75 13.09 22.07 21.88
CA SER C 75 13.41 22.51 20.52
C SER C 75 14.77 23.17 20.44
N LYS C 76 15.33 23.56 21.58
CA LYS C 76 16.61 24.21 21.63
C LYS C 76 17.62 23.38 22.39
N ASN C 77 17.27 22.15 22.69
CA ASN C 77 18.12 21.25 23.45
C ASN C 77 18.61 21.91 24.73
N THR C 78 17.71 22.62 25.43
CA THR C 78 18.12 23.34 26.63
C THR C 78 17.30 23.05 27.89
N LEU C 79 18.03 22.84 28.98
CA LEU C 79 17.50 22.65 30.33
C LEU C 79 17.80 23.90 31.14
N SER C 80 16.89 24.36 31.98
CA SER C 80 17.22 25.51 32.79
C SER C 80 16.63 25.47 34.19
N LEU C 81 17.27 26.23 35.07
CA LEU C 81 16.85 26.35 36.46
C LEU C 81 16.80 27.78 36.94
N GLN C 82 15.63 28.22 37.37
CA GLN C 82 15.45 29.58 37.85
C GLN C 82 15.40 29.57 39.36
N MET C 83 16.31 30.27 40.00
CA MET C 83 16.33 30.28 41.43
C MET C 83 15.97 31.64 41.99
N HIS C 84 15.01 31.69 42.90
CA HIS C 84 14.62 32.94 43.54
C HIS C 84 14.91 32.84 45.01
N SER C 85 14.92 33.99 45.70
CA SER C 85 15.09 34.02 47.14
C SER C 85 16.29 33.22 47.58
N LEU C 86 17.40 33.40 46.90
CA LEU C 86 18.61 32.66 47.19
C LEU C 86 19.15 32.88 48.56
N ARG C 87 19.53 31.78 49.20
CA ARG C 87 20.07 31.80 50.55
C ARG C 87 21.55 31.51 50.55
N ASP C 88 22.24 31.81 51.63
CA ASP C 88 23.68 31.54 51.70
C ASP C 88 23.95 30.04 51.59
N GLY C 89 22.99 29.27 52.07
CA GLY C 89 23.03 27.83 52.07
C GLY C 89 22.90 27.23 50.68
N ASP C 90 22.59 28.04 49.68
CA ASP C 90 22.45 27.59 48.32
C ASP C 90 23.76 27.71 47.56
N THR C 91 24.84 28.16 48.21
CA THR C 91 26.10 28.24 47.49
C THR C 91 26.56 26.83 47.21
N ALA C 92 26.81 26.57 45.94
CA ALA C 92 27.21 25.25 45.50
C ALA C 92 27.59 25.26 44.05
N VAL C 93 28.27 24.22 43.62
CA VAL C 93 28.38 24.05 42.20
C VAL C 93 27.19 23.26 41.76
N TYR C 94 26.47 23.76 40.81
CA TYR C 94 25.31 23.09 40.33
C TYR C 94 25.71 22.36 39.10
N TYR C 95 25.19 21.16 38.93
CA TYR C 95 25.46 20.38 37.75
C TYR C 95 24.15 19.95 37.13
N CYS C 96 24.12 19.84 35.80
CA CYS C 96 23.01 19.24 35.07
C CYS C 96 23.43 17.82 34.73
N ALA C 97 22.48 16.92 34.76
CA ALA C 97 22.78 15.56 34.42
C ALA C 97 21.58 14.89 33.81
N THR C 98 21.85 13.90 33.00
CA THR C 98 20.84 13.12 32.34
C THR C 98 20.44 11.91 33.18
N GLY C 99 19.13 11.66 33.31
CA GLY C 99 18.63 10.49 34.04
C GLY C 99 17.95 10.83 35.34
N GLY C 100 17.54 9.80 36.09
CA GLY C 100 16.83 9.93 37.34
C GLY C 100 15.38 9.51 37.20
N MET C 101 14.92 9.37 35.97
CA MET C 101 13.57 8.97 35.65
C MET C 101 13.44 8.55 34.20
N SER C 102 12.43 7.75 33.89
CA SER C 102 12.11 7.36 32.52
C SER C 102 10.63 7.10 32.42
N SER C 103 10.09 7.13 31.20
CA SER C 103 8.66 6.93 30.99
C SER C 103 8.28 5.50 31.16
N ALA C 104 7.00 5.23 31.21
CA ALA C 104 6.50 3.90 31.40
C ALA C 104 6.82 2.96 30.26
N LEU C 105 7.22 3.47 29.11
CA LEU C 105 7.48 2.60 27.97
C LEU C 105 8.98 2.35 27.79
N GLN C 106 9.78 2.91 28.66
CA GLN C 106 11.24 2.85 28.63
C GLN C 106 11.76 2.00 29.76
N SER C 107 13.00 1.54 29.67
CA SER C 107 13.60 0.83 30.76
C SER C 107 13.81 1.77 31.92
N SER C 108 13.84 1.25 33.13
CA SER C 108 14.05 2.07 34.31
C SER C 108 15.37 2.78 34.25
N LYS C 109 15.44 4.03 34.71
CA LYS C 109 16.71 4.73 34.67
C LYS C 109 16.93 5.56 35.93
N TYR C 110 16.97 4.91 37.09
CA TYR C 110 17.06 5.63 38.35
C TYR C 110 18.48 5.92 38.77
N TYR C 111 19.17 6.61 37.91
CA TYR C 111 20.54 7.00 38.10
C TYR C 111 20.87 8.11 37.16
N PHE C 112 21.94 8.79 37.43
CA PHE C 112 22.38 9.82 36.52
C PHE C 112 23.54 9.22 35.77
N ASP C 113 23.70 9.55 34.51
CA ASP C 113 24.85 9.04 33.75
C ASP C 113 25.67 10.15 33.11
N PHE C 114 25.11 10.91 32.21
CA PHE C 114 25.91 11.94 31.61
C PHE C 114 25.81 13.21 32.42
N TRP C 115 26.96 13.71 32.86
CA TRP C 115 27.02 14.92 33.68
C TRP C 115 27.70 16.06 32.92
N GLY C 116 27.26 17.29 33.17
CA GLY C 116 27.94 18.46 32.65
C GLY C 116 29.01 18.79 33.65
N GLN C 117 29.77 19.86 33.45
CA GLN C 117 30.83 20.12 34.42
C GLN C 117 30.44 21.10 35.50
N GLY C 118 29.25 21.63 35.41
CA GLY C 118 28.73 22.52 36.42
C GLY C 118 29.07 23.99 36.32
N ALA C 119 28.47 24.74 37.22
CA ALA C 119 28.65 26.17 37.34
C ALA C 119 28.57 26.58 38.81
N LEU C 120 29.37 27.55 39.21
CA LEU C 120 29.33 27.96 40.60
C LEU C 120 28.42 29.10 40.92
N VAL C 121 27.51 28.83 41.83
CA VAL C 121 26.55 29.78 42.30
C VAL C 121 26.94 30.23 43.68
N THR C 122 27.14 31.52 43.84
CA THR C 122 27.55 32.04 45.14
C THR C 122 26.57 33.03 45.66
N VAL C 123 26.17 32.85 46.90
CA VAL C 123 25.26 33.79 47.51
C VAL C 123 26.01 34.35 48.72
N SER C 124 26.20 35.70 48.77
CA SER C 124 26.98 36.37 49.84
C SER C 124 26.68 37.87 49.91
N ALA D 3 20.63 11.47 54.67
CA ALA D 3 21.78 11.04 53.89
C ALA D 3 22.10 9.59 54.23
N LEU D 4 22.88 8.92 53.35
CA LEU D 4 23.32 7.52 53.53
C LEU D 4 24.70 7.53 54.22
N THR D 5 24.96 6.55 55.05
CA THR D 5 26.25 6.53 55.71
C THR D 5 27.29 5.88 54.84
N GLN D 6 28.40 6.55 54.69
CA GLN D 6 29.45 6.01 53.87
C GLN D 6 30.78 6.33 54.55
N PRO D 7 31.53 5.35 55.04
CA PRO D 7 32.76 5.53 55.77
C PRO D 7 33.80 6.35 55.00
N PRO D 8 34.43 7.34 55.63
CA PRO D 8 35.46 8.19 55.08
C PRO D 8 36.76 7.44 55.03
N SER D 9 37.66 7.92 54.18
CA SER D 9 39.04 7.46 54.14
C SER D 9 39.28 5.96 54.08
N VAL D 10 38.59 5.28 53.20
CA VAL D 10 38.81 3.86 53.03
C VAL D 10 39.92 3.73 52.01
N SER D 11 40.97 2.98 52.32
CA SER D 11 42.14 2.90 51.46
C SER D 11 42.79 1.53 51.38
N GLY D 12 43.79 1.39 50.51
CA GLY D 12 44.52 0.13 50.37
C GLY D 12 45.72 0.31 49.46
N SER D 13 46.57 -0.68 49.35
CA SER D 13 47.76 -0.57 48.53
C SER D 13 47.46 -0.93 47.08
N PRO D 14 48.26 -0.45 46.11
CA PRO D 14 48.12 -0.83 44.73
C PRO D 14 48.20 -2.34 44.65
N GLY D 15 47.35 -2.91 43.82
CA GLY D 15 47.29 -4.35 43.63
C GLY D 15 46.33 -5.05 44.58
N GLN D 16 45.83 -4.35 45.60
CA GLN D 16 44.91 -4.94 46.56
C GLN D 16 43.48 -4.67 46.22
N SER D 17 42.57 -5.24 47.01
CA SER D 17 41.17 -4.95 46.83
C SER D 17 40.69 -4.10 47.99
N VAL D 18 39.69 -3.29 47.72
CA VAL D 18 39.06 -2.45 48.73
C VAL D 18 37.57 -2.57 48.69
N THR D 19 36.92 -2.51 49.85
CA THR D 19 35.46 -2.48 49.88
C THR D 19 34.96 -1.21 50.52
N ILE D 20 34.13 -0.49 49.80
CA ILE D 20 33.54 0.73 50.31
C ILE D 20 32.05 0.51 50.52
N SER D 21 31.64 0.47 51.77
CA SER D 21 30.25 0.18 52.08
C SER D 21 29.39 1.45 52.08
N CYS D 22 28.06 1.28 52.06
CA CYS D 22 27.02 2.29 52.14
C CYS D 22 25.85 1.76 52.98
N THR D 23 25.45 2.53 53.99
CA THR D 23 24.34 2.09 54.84
C THR D 23 23.17 3.04 54.86
N GLY D 24 22.01 2.49 54.59
CA GLY D 24 20.79 3.23 54.60
C GLY D 24 19.81 2.55 55.50
N THR D 25 18.55 2.84 55.28
CA THR D 25 17.46 2.27 56.02
C THR D 25 16.64 1.34 55.18
N SER D 26 15.59 0.81 55.79
CA SER D 26 14.70 -0.16 55.18
C SER D 26 13.94 0.43 54.01
N SER D 27 13.63 1.71 54.10
CA SER D 27 12.91 2.40 53.05
C SER D 27 13.81 2.79 51.87
N ASP D 28 15.11 3.01 52.10
CA ASP D 28 16.00 3.49 51.05
C ASP D 28 16.71 2.38 50.28
N ILE D 29 17.36 1.50 51.00
CA ILE D 29 18.12 0.43 50.39
C ILE D 29 17.35 -0.85 50.50
N GLY D 30 16.73 -1.07 51.64
CA GLY D 30 15.99 -2.31 51.85
C GLY D 30 14.82 -2.48 50.88
N SER D 31 14.22 -1.39 50.43
CA SER D 31 13.06 -1.45 49.56
C SER D 31 13.31 -1.40 48.07
N TYR D 32 14.43 -0.86 47.62
CA TYR D 32 14.61 -0.73 46.19
C TYR D 32 15.97 -1.17 45.68
N ASN D 33 16.01 -1.84 44.56
CA ASN D 33 17.31 -2.22 44.00
C ASN D 33 17.84 -1.19 43.05
N TYR D 34 18.00 0.02 43.54
CA TYR D 34 18.49 1.13 42.76
C TYR D 34 19.53 1.87 43.55
N VAL D 35 20.73 1.32 43.65
CA VAL D 35 21.78 1.91 44.45
C VAL D 35 23.01 2.10 43.59
N SER D 36 23.19 3.28 43.06
CA SER D 36 24.27 3.53 42.14
C SER D 36 25.50 4.04 42.85
N TRP D 37 26.63 3.98 42.16
CA TRP D 37 27.86 4.51 42.69
C TRP D 37 28.50 5.44 41.69
N TYR D 38 29.07 6.51 42.21
CA TYR D 38 29.75 7.53 41.44
C TYR D 38 31.15 7.79 41.96
N GLN D 39 32.02 8.28 41.09
CA GLN D 39 33.33 8.68 41.58
C GLN D 39 33.65 10.06 41.09
N GLN D 40 34.42 10.81 41.85
CA GLN D 40 34.78 12.14 41.44
C GLN D 40 36.22 12.51 41.67
N HIS D 41 36.90 12.90 40.62
CA HIS D 41 38.25 13.40 40.80
C HIS D 41 38.07 14.85 41.13
N PRO D 42 38.88 15.47 41.97
CA PRO D 42 38.78 16.86 42.28
C PRO D 42 38.83 17.65 41.01
N GLY D 43 37.95 18.64 40.90
CA GLY D 43 37.90 19.50 39.73
C GLY D 43 36.99 18.98 38.62
N LYS D 44 36.45 17.78 38.77
CA LYS D 44 35.59 17.19 37.74
C LYS D 44 34.19 16.86 38.22
N ALA D 45 33.23 16.79 37.29
CA ALA D 45 31.91 16.31 37.64
C ALA D 45 32.02 14.81 37.93
N PRO D 46 31.16 14.23 38.76
CA PRO D 46 31.12 12.81 39.05
C PRO D 46 30.86 11.96 37.82
N LYS D 47 31.40 10.75 37.83
CA LYS D 47 31.21 9.76 36.79
C LYS D 47 30.42 8.57 37.34
N LEU D 48 29.52 8.02 36.53
CA LEU D 48 28.79 6.82 36.95
C LEU D 48 29.64 5.59 36.84
N MET D 49 29.75 4.83 37.92
CA MET D 49 30.55 3.63 37.88
C MET D 49 29.69 2.37 37.91
N ILE D 50 28.67 2.39 38.75
CA ILE D 50 27.73 1.28 38.96
C ILE D 50 26.32 1.79 39.01
N TYR D 51 25.38 1.04 38.45
CA TYR D 51 23.97 1.43 38.50
C TYR D 51 23.12 0.24 38.86
N ASP D 52 21.87 0.51 39.23
CA ASP D 52 21.02 -0.54 39.75
C ASP D 52 21.83 -1.03 40.92
N VAL D 53 22.20 -2.29 40.98
CA VAL D 53 23.02 -2.69 42.11
C VAL D 53 24.36 -3.20 41.63
N THR D 54 24.29 -4.07 40.64
CA THR D 54 25.41 -4.78 40.10
C THR D 54 25.72 -4.43 38.64
N GLN D 55 25.09 -3.41 38.08
CA GLN D 55 25.31 -3.17 36.66
C GLN D 55 26.40 -2.19 36.42
N ARG D 56 27.08 -2.36 35.31
CA ARG D 56 28.18 -1.48 35.02
C ARG D 56 28.03 -0.90 33.62
N PRO D 57 28.14 0.42 33.44
CA PRO D 57 27.98 1.10 32.19
C PRO D 57 29.17 0.88 31.30
N SER D 58 28.98 1.01 30.00
CA SER D 58 30.09 0.89 29.09
C SER D 58 31.12 1.93 29.41
N GLY D 59 32.38 1.55 29.31
CA GLY D 59 33.49 2.44 29.58
C GLY D 59 34.08 2.19 30.96
N VAL D 60 33.37 1.46 31.79
CA VAL D 60 33.87 1.14 33.12
C VAL D 60 34.34 -0.29 33.12
N SER D 61 35.57 -0.47 33.59
CA SER D 61 36.21 -1.77 33.65
C SER D 61 35.61 -2.67 34.71
N ASP D 62 35.91 -3.94 34.59
CA ASP D 62 35.33 -4.97 35.42
C ASP D 62 35.97 -5.14 36.77
N ARG D 63 36.87 -4.24 37.10
CA ARG D 63 37.46 -4.26 38.41
C ARG D 63 36.48 -3.64 39.39
N PHE D 64 35.45 -2.95 38.85
CA PHE D 64 34.45 -2.29 39.66
C PHE D 64 33.17 -3.08 39.69
N SER D 65 32.75 -3.48 40.88
CA SER D 65 31.55 -4.28 41.00
C SER D 65 30.82 -4.03 42.30
N GLY D 66 29.50 -4.02 42.29
CA GLY D 66 28.80 -3.84 43.54
C GLY D 66 27.91 -5.01 43.91
N SER D 67 27.33 -4.92 45.09
CA SER D 67 26.41 -5.90 45.64
C SER D 67 25.65 -5.30 46.80
N LYS D 68 24.63 -6.01 47.28
CA LYS D 68 23.92 -5.51 48.46
C LYS D 68 23.36 -6.62 49.31
N SER D 69 23.06 -6.26 50.56
CA SER D 69 22.40 -7.15 51.50
C SER D 69 21.64 -6.35 52.55
N GLY D 70 20.41 -6.71 52.83
CA GLY D 70 19.70 -6.00 53.88
C GLY D 70 19.55 -4.53 53.52
N ASN D 71 19.97 -3.66 54.44
CA ASN D 71 19.86 -2.23 54.23
C ASN D 71 21.20 -1.61 53.88
N THR D 72 22.16 -2.43 53.48
CA THR D 72 23.45 -1.91 53.10
C THR D 72 23.82 -2.34 51.71
N ALA D 73 24.82 -1.68 51.18
CA ALA D 73 25.34 -1.96 49.86
C ALA D 73 26.80 -1.67 49.82
N SER D 74 27.49 -2.23 48.85
CA SER D 74 28.90 -1.97 48.74
C SER D 74 29.43 -1.99 47.33
N LEU D 75 30.54 -1.30 47.17
CA LEU D 75 31.34 -1.27 45.98
C LEU D 75 32.69 -1.84 46.24
N THR D 76 33.13 -2.77 45.44
CA THR D 76 34.46 -3.26 45.64
C THR D 76 35.26 -2.94 44.42
N ILE D 77 36.53 -2.68 44.64
CA ILE D 77 37.43 -2.46 43.55
C ILE D 77 38.55 -3.46 43.69
N SER D 78 38.79 -4.26 42.67
CA SER D 78 39.90 -5.19 42.76
C SER D 78 41.04 -4.63 41.96
N GLY D 79 42.27 -5.10 42.19
CA GLY D 79 43.32 -4.64 41.30
C GLY D 79 43.56 -3.15 41.44
N LEU D 80 43.57 -2.60 42.64
CA LEU D 80 43.68 -1.15 42.74
C LEU D 80 44.82 -0.56 41.94
N GLN D 81 44.49 0.46 41.15
CA GLN D 81 45.41 1.15 40.28
C GLN D 81 45.83 2.48 40.84
N ALA D 82 46.88 3.02 40.27
CA ALA D 82 47.43 4.32 40.63
C ALA D 82 46.41 5.43 40.49
N ASP D 83 45.48 5.31 39.55
CA ASP D 83 44.51 6.36 39.32
C ASP D 83 43.24 6.20 40.14
N ASP D 84 43.14 5.18 40.97
CA ASP D 84 41.92 4.98 41.74
C ASP D 84 41.96 5.75 43.05
N GLU D 85 42.04 7.06 42.95
CA GLU D 85 42.08 7.91 44.14
C GLU D 85 40.96 8.93 44.18
N ALA D 86 39.88 8.62 43.48
CA ALA D 86 38.69 9.46 43.40
C ALA D 86 37.89 9.40 44.69
N ASP D 87 37.06 10.43 44.91
CA ASP D 87 36.10 10.36 45.98
C ASP D 87 34.98 9.48 45.50
N TYR D 88 34.43 8.64 46.35
CA TYR D 88 33.32 7.81 45.94
C TYR D 88 32.07 8.17 46.69
N TYR D 89 30.94 8.05 46.00
CA TYR D 89 29.64 8.28 46.60
C TYR D 89 28.65 7.19 46.23
N CYS D 90 27.77 6.81 47.17
CA CYS D 90 26.62 5.93 46.92
C CYS D 90 25.38 6.81 46.77
N SER D 91 24.42 6.32 46.01
CA SER D 91 23.16 7.00 45.83
C SER D 91 22.03 6.07 45.63
N ALA D 92 20.89 6.35 46.23
CA ALA D 92 19.79 5.45 46.05
C ALA D 92 18.46 6.13 45.84
N TYR D 93 17.58 5.42 45.15
CA TYR D 93 16.23 5.89 44.95
C TYR D 93 15.42 5.58 46.17
N ALA D 94 14.86 6.61 46.76
CA ALA D 94 14.15 6.44 48.01
C ALA D 94 12.64 6.30 47.88
N GLY D 95 12.06 6.76 46.79
CA GLY D 95 10.62 6.71 46.67
C GLY D 95 10.08 7.90 45.90
N ARG D 96 8.79 8.11 46.01
CA ARG D 96 8.15 9.20 45.28
C ARG D 96 8.20 10.52 46.02
N GLN D 97 8.17 10.48 47.34
CA GLN D 97 8.17 11.71 48.11
C GLN D 97 9.58 12.25 48.19
N THR D 98 10.53 11.35 48.30
CA THR D 98 11.93 11.67 48.32
C THR D 98 12.53 10.93 47.18
N PHE D 99 13.12 11.63 46.24
CA PHE D 99 13.64 10.91 45.12
C PHE D 99 14.99 10.33 45.32
N TYR D 100 15.98 11.15 45.61
CA TYR D 100 17.29 10.57 45.75
C TYR D 100 17.98 10.98 46.99
N ILE D 101 18.70 10.04 47.54
CA ILE D 101 19.51 10.27 48.71
C ILE D 101 20.94 9.92 48.40
N PHE D 102 21.85 10.83 48.67
CA PHE D 102 23.25 10.55 48.48
C PHE D 102 23.88 10.28 49.81
N GLY D 103 24.92 9.48 49.82
CA GLY D 103 25.66 9.29 51.03
C GLY D 103 26.78 10.27 51.15
N GLY D 104 27.58 10.09 52.17
CA GLY D 104 28.73 10.96 52.36
C GLY D 104 29.81 10.47 51.41
N GLY D 105 30.95 11.13 51.38
CA GLY D 105 31.97 10.65 50.44
C GLY D 105 33.05 9.81 51.10
N THR D 106 33.70 8.99 50.30
CA THR D 106 34.85 8.22 50.70
C THR D 106 36.04 8.65 49.89
N ARG D 107 37.14 9.03 50.51
CA ARG D 107 38.29 9.40 49.69
C ARG D 107 39.26 8.26 49.64
N LEU D 108 39.31 7.60 48.50
CA LEU D 108 40.15 6.44 48.34
C LEU D 108 41.56 6.88 48.02
N THR D 109 42.54 6.25 48.64
CA THR D 109 43.94 6.53 48.33
C THR D 109 44.68 5.20 48.13
N VAL D 110 45.81 5.23 47.36
CA VAL D 110 46.68 4.07 47.10
C VAL D 110 48.15 4.46 47.25
N ASP E 1 17.52 -1.96 -2.39
CA ASP E 1 17.77 -2.29 -3.79
C ASP E 1 18.15 -3.77 -3.95
N ILE E 2 17.90 -4.31 -5.18
CA ILE E 2 18.23 -5.69 -5.56
C ILE E 2 19.55 -5.66 -6.28
N GLN E 3 20.52 -6.34 -5.71
CA GLN E 3 21.82 -6.36 -6.33
C GLN E 3 21.95 -7.66 -7.04
N MET E 4 22.74 -7.67 -8.08
CA MET E 4 23.00 -8.92 -8.75
C MET E 4 24.31 -8.89 -9.46
N THR E 5 24.94 -10.04 -9.57
CA THR E 5 26.20 -10.13 -10.26
C THR E 5 26.26 -11.28 -11.23
N GLN E 6 27.20 -11.21 -12.15
CA GLN E 6 27.42 -12.30 -13.07
C GLN E 6 28.53 -13.14 -12.50
N SER E 7 28.58 -14.40 -12.86
CA SER E 7 29.64 -15.24 -12.31
C SER E 7 31.06 -15.03 -12.89
N PRO E 8 31.38 -15.31 -14.17
CA PRO E 8 32.68 -15.02 -14.75
C PRO E 8 32.81 -13.56 -15.04
N SER E 9 34.03 -13.04 -14.96
CA SER E 9 34.26 -11.68 -15.42
C SER E 9 34.49 -11.72 -16.91
N SER E 10 35.00 -12.86 -17.35
CA SER E 10 35.27 -13.16 -18.74
C SER E 10 35.39 -14.65 -18.96
N LEU E 11 35.26 -15.04 -20.21
CA LEU E 11 35.45 -16.41 -20.63
C LEU E 11 36.40 -16.53 -21.79
N SER E 12 37.24 -17.55 -21.77
CA SER E 12 38.05 -17.85 -22.93
C SER E 12 37.19 -18.73 -23.78
N ALA E 13 37.21 -18.57 -25.09
CA ALA E 13 36.37 -19.44 -25.87
C ALA E 13 36.83 -19.63 -27.29
N SER E 14 36.54 -20.80 -27.80
CA SER E 14 36.73 -21.12 -29.19
C SER E 14 35.49 -20.67 -29.89
N VAL E 15 35.57 -20.42 -31.19
CA VAL E 15 34.40 -20.00 -31.93
C VAL E 15 33.42 -21.18 -32.02
N GLY E 16 33.96 -22.34 -32.36
CA GLY E 16 33.15 -23.54 -32.50
C GLY E 16 32.87 -24.25 -31.19
N ASP E 17 32.24 -23.55 -30.26
CA ASP E 17 31.96 -24.11 -28.94
C ASP E 17 30.77 -23.48 -28.23
N THR E 18 30.25 -24.20 -27.25
CA THR E 18 29.13 -23.73 -26.44
C THR E 18 29.63 -23.08 -25.17
N VAL E 19 29.16 -21.88 -24.90
CA VAL E 19 29.60 -21.21 -23.70
C VAL E 19 28.40 -20.79 -22.88
N THR E 20 28.54 -20.81 -21.57
CA THR E 20 27.46 -20.38 -20.72
C THR E 20 27.91 -19.47 -19.62
N THR E 21 26.99 -18.66 -19.15
CA THR E 21 27.24 -17.83 -17.98
C THR E 21 26.04 -17.79 -17.07
N THR E 22 26.23 -17.17 -15.93
CA THR E 22 25.14 -17.01 -14.97
C THR E 22 25.06 -15.59 -14.42
N CYS E 23 23.90 -15.29 -13.77
CA CYS E 23 23.52 -14.05 -13.10
C CYS E 23 22.78 -14.44 -11.82
N ARG E 24 23.19 -13.87 -10.70
CA ARG E 24 22.63 -14.24 -9.42
C ARG E 24 22.12 -13.02 -8.70
N ALA E 25 20.91 -13.11 -8.17
CA ALA E 25 20.32 -11.98 -7.47
C ALA E 25 20.25 -12.19 -5.98
N SER E 26 20.29 -11.10 -5.23
CA SER E 26 20.13 -11.11 -3.79
C SER E 26 18.70 -11.27 -3.33
N GLN E 27 17.77 -11.06 -4.26
CA GLN E 27 16.35 -11.12 -3.97
C GLN E 27 15.65 -11.88 -5.06
N ASP E 28 14.53 -12.49 -4.71
CA ASP E 28 13.76 -13.24 -5.68
C ASP E 28 13.14 -12.34 -6.76
N ILE E 29 13.37 -12.71 -8.02
CA ILE E 29 12.85 -12.09 -9.22
C ILE E 29 11.98 -13.10 -9.95
N SER E 30 10.71 -12.81 -10.17
CA SER E 30 9.82 -13.82 -10.78
C SER E 30 9.93 -13.91 -12.29
N ASN E 31 11.07 -14.39 -12.75
CA ASN E 31 11.46 -14.57 -14.15
C ASN E 31 11.74 -13.28 -14.88
N ASP E 32 11.60 -12.16 -14.19
CA ASP E 32 11.78 -10.83 -14.74
C ASP E 32 13.21 -10.37 -14.85
N LEU E 33 13.99 -11.16 -15.59
CA LEU E 33 15.39 -10.85 -15.85
C LEU E 33 15.62 -10.80 -17.36
N ALA E 34 16.16 -9.70 -17.84
CA ALA E 34 16.46 -9.53 -19.25
C ALA E 34 17.94 -9.69 -19.52
N TRP E 35 18.30 -10.09 -20.74
CA TRP E 35 19.72 -10.18 -21.13
C TRP E 35 20.03 -9.36 -22.37
N TYR E 36 21.25 -8.78 -22.43
CA TYR E 36 21.75 -7.96 -23.55
C TYR E 36 23.18 -8.28 -24.01
N GLN E 37 23.49 -8.04 -25.28
CA GLN E 37 24.85 -8.21 -25.84
C GLN E 37 25.49 -6.86 -26.21
N GLN E 38 26.66 -6.55 -25.66
CA GLN E 38 27.27 -5.25 -25.97
C GLN E 38 28.64 -5.27 -26.65
N LYS E 39 28.72 -4.55 -27.75
CA LYS E 39 29.96 -4.43 -28.46
C LYS E 39 30.50 -3.05 -28.14
N PRO E 40 31.82 -2.85 -28.09
CA PRO E 40 32.41 -1.58 -27.79
C PRO E 40 31.92 -0.50 -28.71
N GLY E 41 31.56 0.64 -28.12
CA GLY E 41 31.10 1.79 -28.87
C GLY E 41 29.59 1.80 -29.15
N LYS E 42 28.88 0.73 -28.84
CA LYS E 42 27.46 0.66 -29.15
C LYS E 42 26.55 0.36 -27.97
N ALA E 43 25.30 0.80 -28.08
CA ALA E 43 24.29 0.48 -27.10
C ALA E 43 24.08 -1.02 -27.11
N PRO E 44 23.75 -1.65 -25.99
CA PRO E 44 23.48 -3.07 -25.91
C PRO E 44 22.33 -3.50 -26.79
N LYS E 45 22.45 -4.69 -27.36
CA LYS E 45 21.40 -5.29 -28.15
C LYS E 45 20.59 -6.22 -27.26
N PRO E 46 19.29 -6.02 -27.10
CA PRO E 46 18.45 -6.90 -26.31
C PRO E 46 18.48 -8.29 -26.88
N LEU E 47 18.52 -9.29 -26.02
CA LEU E 47 18.49 -10.67 -26.45
C LEU E 47 17.26 -11.40 -25.95
N LEU E 48 17.00 -11.24 -24.65
CA LEU E 48 15.94 -11.96 -23.93
C LEU E 48 15.07 -11.05 -23.04
N TYR E 49 13.73 -11.23 -23.11
CA TYR E 49 12.73 -10.46 -22.36
C TYR E 49 12.63 -10.91 -20.94
N TYR E 50 12.57 -12.20 -20.83
CA TYR E 50 12.40 -12.98 -19.64
C TYR E 50 13.47 -13.97 -19.83
N ALA E 51 13.87 -14.66 -18.79
CA ALA E 51 15.01 -15.53 -19.01
C ALA E 51 14.85 -16.48 -20.20
N SER E 52 13.66 -16.98 -20.47
CA SER E 52 13.51 -17.95 -21.54
C SER E 52 12.92 -17.42 -22.85
N ASN E 53 12.78 -16.11 -23.00
CA ASN E 53 12.13 -15.58 -24.20
C ASN E 53 12.91 -14.62 -25.07
N LEU E 54 13.15 -15.01 -26.31
CA LEU E 54 13.92 -14.23 -27.27
C LEU E 54 13.21 -13.05 -27.86
N GLU E 55 13.97 -12.02 -28.16
CA GLU E 55 13.42 -10.86 -28.84
C GLU E 55 13.46 -11.08 -30.34
N SER E 56 12.92 -10.14 -31.10
CA SER E 56 12.89 -10.26 -32.53
C SER E 56 14.24 -10.03 -33.14
N GLY E 57 14.58 -10.88 -34.09
CA GLY E 57 15.84 -10.74 -34.79
C GLY E 57 16.98 -11.41 -34.06
N VAL E 58 16.69 -12.05 -32.94
CA VAL E 58 17.74 -12.68 -32.19
C VAL E 58 17.77 -14.14 -32.61
N PRO E 59 18.90 -14.67 -33.06
CA PRO E 59 19.01 -16.01 -33.54
C PRO E 59 18.86 -17.01 -32.43
N SER E 60 18.51 -18.23 -32.83
CA SER E 60 18.28 -19.40 -31.97
C SER E 60 19.51 -19.85 -31.22
N MET E 61 20.64 -19.26 -31.57
CA MET E 61 21.90 -19.52 -30.91
C MET E 61 21.79 -19.12 -29.45
N PHE E 62 20.95 -18.13 -29.16
CA PHE E 62 20.81 -17.67 -27.80
C PHE E 62 19.63 -18.30 -27.10
N SER E 63 19.81 -18.63 -25.85
CA SER E 63 18.74 -19.14 -25.03
C SER E 63 19.05 -18.86 -23.57
N GLY E 64 18.09 -19.05 -22.70
CA GLY E 64 18.36 -18.85 -21.29
C GLY E 64 17.26 -19.43 -20.44
N SER E 65 17.45 -19.36 -19.15
CA SER E 65 16.51 -19.91 -18.20
C SER E 65 16.75 -19.38 -16.81
N GLY E 66 15.85 -19.71 -15.91
CA GLY E 66 16.02 -19.32 -14.51
C GLY E 66 14.79 -18.71 -13.94
N SER E 67 14.75 -18.74 -12.62
CA SER E 67 13.67 -18.20 -11.83
C SER E 67 14.22 -17.95 -10.44
N GLY E 68 13.45 -17.29 -9.59
CA GLY E 68 13.93 -17.03 -8.25
C GLY E 68 15.16 -16.14 -8.29
N THR E 69 16.26 -16.63 -7.78
CA THR E 69 17.48 -15.85 -7.76
C THR E 69 18.55 -16.35 -8.70
N ASP E 70 18.34 -17.50 -9.32
CA ASP E 70 19.40 -18.13 -10.10
C ASP E 70 19.13 -18.21 -11.60
N PHE E 71 19.89 -17.44 -12.39
CA PHE E 71 19.66 -17.37 -13.82
C PHE E 71 20.86 -17.71 -14.70
N THR E 72 20.57 -18.17 -15.91
CA THR E 72 21.60 -18.51 -16.89
C THR E 72 21.35 -18.04 -18.32
N LEU E 73 22.46 -17.82 -19.04
CA LEU E 73 22.52 -17.47 -20.45
C LEU E 73 23.40 -18.46 -21.21
N THR E 74 22.88 -19.00 -22.29
CA THR E 74 23.61 -19.96 -23.13
C THR E 74 23.75 -19.54 -24.57
N ILE E 75 24.96 -19.66 -25.10
CA ILE E 75 25.22 -19.42 -26.51
C ILE E 75 25.69 -20.75 -27.10
N SER E 76 24.92 -21.33 -28.02
CA SER E 76 25.25 -22.67 -28.51
C SER E 76 26.52 -22.78 -29.34
N SER E 77 26.85 -21.72 -30.06
CA SER E 77 28.05 -21.63 -30.88
C SER E 77 28.29 -20.16 -31.05
N LEU E 78 29.50 -19.77 -31.39
CA LEU E 78 29.70 -18.37 -31.58
C LEU E 78 30.15 -18.07 -32.96
N GLN E 79 29.81 -16.90 -33.41
CA GLN E 79 30.35 -16.37 -34.61
C GLN E 79 31.41 -15.42 -34.10
N PRO E 80 32.40 -14.99 -34.86
CA PRO E 80 33.35 -13.98 -34.44
C PRO E 80 32.64 -12.72 -33.90
N GLU E 81 31.46 -12.43 -34.45
CA GLU E 81 30.65 -11.31 -34.06
C GLU E 81 30.07 -11.42 -32.64
N ASP E 82 30.09 -12.60 -32.03
CA ASP E 82 29.51 -12.81 -30.72
C ASP E 82 30.51 -12.62 -29.60
N PHE E 83 31.72 -12.23 -29.95
CA PHE E 83 32.69 -12.01 -28.90
C PHE E 83 32.49 -10.59 -28.40
N ALA E 84 31.63 -10.52 -27.39
CA ALA E 84 31.06 -9.32 -26.80
C ALA E 84 30.79 -9.52 -25.31
N SER E 85 30.56 -8.43 -24.58
CA SER E 85 30.22 -8.56 -23.16
C SER E 85 28.74 -8.77 -23.00
N TYR E 86 28.32 -9.23 -21.83
CA TYR E 86 26.90 -9.44 -21.65
C TYR E 86 26.40 -8.81 -20.38
N PHE E 87 25.17 -8.37 -20.42
CA PHE E 87 24.53 -7.77 -19.26
C PHE E 87 23.24 -8.48 -18.93
N CYS E 88 22.86 -8.45 -17.64
CA CYS E 88 21.61 -8.99 -17.12
C CYS E 88 20.98 -7.82 -16.37
N GLN E 89 19.67 -7.70 -16.50
CA GLN E 89 18.91 -6.62 -15.88
C GLN E 89 17.70 -7.09 -15.17
N GLN E 90 17.47 -6.58 -13.99
CA GLN E 90 16.27 -6.98 -13.32
C GLN E 90 15.31 -5.86 -13.45
N TYR E 91 14.07 -6.18 -13.71
CA TYR E 91 13.07 -5.14 -13.76
C TYR E 91 11.95 -5.48 -12.80
N ASN E 92 12.28 -6.15 -11.70
CA ASN E 92 11.29 -6.48 -10.65
C ASN E 92 11.12 -5.33 -9.66
N SER E 93 11.95 -4.29 -9.71
CA SER E 93 11.88 -3.16 -8.74
C SER E 93 12.57 -1.94 -9.35
N TYR E 94 12.44 -0.75 -8.75
CA TYR E 94 12.94 0.50 -9.41
C TYR E 94 14.39 0.81 -9.59
N PRO E 95 15.31 0.70 -8.59
CA PRO E 95 16.80 0.75 -8.82
C PRO E 95 16.71 -0.38 -9.87
N ARG E 96 16.91 -0.04 -11.14
CA ARG E 96 16.85 -1.06 -12.23
C ARG E 96 18.22 -1.74 -12.31
N THR E 97 18.73 -2.21 -11.17
CA THR E 97 20.12 -2.74 -11.07
C THR E 97 20.42 -3.72 -12.22
N PHE E 98 21.52 -3.44 -12.92
CA PHE E 98 22.18 -4.35 -13.85
C PHE E 98 23.34 -5.05 -13.19
N GLY E 99 23.64 -6.23 -13.68
CA GLY E 99 24.85 -6.93 -13.26
C GLY E 99 25.91 -6.52 -14.28
N GLN E 100 27.15 -6.94 -14.08
CA GLN E 100 28.22 -6.63 -15.03
C GLN E 100 29.04 -7.89 -15.25
N GLY E 101 29.57 -8.15 -16.46
CA GLY E 101 30.44 -9.33 -16.60
C GLY E 101 30.45 -10.05 -17.96
N THR E 102 30.97 -11.27 -17.89
CA THR E 102 31.17 -12.22 -18.97
C THR E 102 31.70 -11.66 -20.28
N LYS E 103 32.82 -10.98 -20.29
CA LYS E 103 33.34 -10.65 -21.61
C LYS E 103 33.78 -11.95 -22.27
N VAL E 104 33.36 -12.24 -23.49
CA VAL E 104 33.83 -13.48 -24.09
C VAL E 104 34.95 -13.21 -25.11
N GLU E 105 36.11 -13.88 -24.91
CA GLU E 105 37.33 -13.76 -25.73
C GLU E 105 37.77 -15.16 -26.15
N SER F 8 0.30 16.03 12.18
CA SER F 8 -1.03 15.46 12.33
C SER F 8 -1.32 14.51 11.15
N LEU F 9 -1.50 13.21 11.46
CA LEU F 9 -1.80 12.14 10.50
C LEU F 9 -3.28 11.85 10.56
N GLY F 10 -3.83 11.26 9.51
CA GLY F 10 -5.24 10.92 9.53
C GLY F 10 -5.50 9.54 10.10
N PHE F 11 -6.69 9.02 9.84
CA PHE F 11 -7.11 7.75 10.38
C PHE F 11 -6.23 6.63 9.95
N LEU F 12 -5.70 5.89 10.92
CA LEU F 12 -4.77 4.79 10.73
C LEU F 12 -3.46 5.26 10.13
N GLY F 13 -3.20 6.55 10.16
CA GLY F 13 -1.98 7.06 9.61
C GLY F 13 -0.76 6.50 10.30
N ALA F 14 -0.90 6.20 11.57
CA ALA F 14 0.19 5.65 12.35
C ALA F 14 0.33 4.16 12.19
N ALA F 15 -0.54 3.52 11.44
CA ALA F 15 -0.34 2.11 11.30
C ALA F 15 1.00 1.98 10.62
N GLY F 16 1.83 1.08 11.08
CA GLY F 16 3.14 0.92 10.46
C GLY F 16 4.23 1.67 11.24
N SER F 17 3.84 2.59 12.10
CA SER F 17 4.79 3.32 12.92
C SER F 17 4.98 2.44 14.13
N THR F 18 5.92 2.75 14.99
CA THR F 18 6.13 1.88 16.11
C THR F 18 5.04 2.05 17.13
N MET F 19 4.92 1.09 18.03
CA MET F 19 3.89 1.14 19.05
C MET F 19 3.98 2.38 19.91
N GLY F 20 5.18 2.81 20.22
CA GLY F 20 5.35 3.97 21.07
C GLY F 20 5.06 5.27 20.36
N ALA F 21 4.89 5.23 19.05
CA ALA F 21 4.58 6.42 18.29
C ALA F 21 3.10 6.46 18.04
N ALA F 22 2.55 5.30 17.70
CA ALA F 22 1.17 5.10 17.37
C ALA F 22 0.28 5.42 18.52
N SER F 23 0.75 5.20 19.73
CA SER F 23 -0.02 5.45 20.93
C SER F 23 -0.34 6.93 21.11
N MET F 24 0.27 7.80 20.33
CA MET F 24 -0.03 9.21 20.44
C MET F 24 -1.24 9.62 19.60
N THR F 25 -1.83 8.68 18.86
CA THR F 25 -2.95 8.98 17.96
C THR F 25 -4.22 8.24 18.35
N LEU F 26 -4.34 7.86 19.59
CA LEU F 26 -5.48 7.06 19.99
C LEU F 26 -6.81 7.76 19.74
N THR F 27 -6.87 9.08 19.83
CA THR F 27 -8.13 9.77 19.60
C THR F 27 -8.48 9.87 18.13
N VAL F 28 -7.50 9.64 17.27
CA VAL F 28 -7.72 9.73 15.85
C VAL F 28 -8.52 8.53 15.45
N GLN F 29 -8.13 7.38 15.96
CA GLN F 29 -8.88 6.21 15.63
C GLN F 29 -10.17 6.15 16.43
N ALA F 30 -10.15 6.55 17.69
CA ALA F 30 -11.36 6.44 18.48
C ALA F 30 -12.51 7.24 17.90
N ARG F 31 -12.24 8.41 17.34
CA ARG F 31 -13.33 9.22 16.82
C ARG F 31 -13.92 8.75 15.51
N ASN F 32 -13.30 7.78 14.86
CA ASN F 32 -13.86 7.31 13.63
C ASN F 32 -14.65 6.04 13.84
N LEU F 33 -14.69 5.60 15.07
CA LEU F 33 -15.47 4.45 15.39
C LEU F 33 -16.76 5.13 15.56
N LEU F 34 -17.85 4.49 15.34
CA LEU F 34 -19.12 5.19 15.54
C LEU F 34 -19.32 6.44 14.58
N SER F 35 -18.45 6.60 13.53
CA SER F 35 -18.48 7.65 12.50
C SER F 35 -17.48 7.27 11.41
N HIS F 59 -36.75 -2.73 0.03
CA HIS F 59 -36.03 -2.50 1.30
C HIS F 59 -34.72 -1.74 1.04
N TRP F 60 -33.58 -2.44 1.07
CA TRP F 60 -32.23 -1.83 0.95
C TRP F 60 -31.96 -0.91 2.15
N GLY F 61 -32.99 -0.20 2.63
CA GLY F 61 -32.93 0.45 3.91
C GLY F 61 -32.60 -0.53 5.01
N ILE F 62 -33.01 -1.81 4.89
CA ILE F 62 -32.67 -2.73 5.95
C ILE F 62 -31.21 -2.99 5.89
N LYS F 63 -30.67 -3.21 4.70
CA LYS F 63 -29.24 -3.46 4.66
C LYS F 63 -28.45 -2.34 5.34
N GLN F 64 -28.85 -1.09 5.08
CA GLN F 64 -28.14 0.01 5.69
C GLN F 64 -28.36 0.05 7.21
N LEU F 65 -29.58 -0.19 7.69
CA LEU F 65 -29.76 -0.17 9.12
C LEU F 65 -28.99 -1.26 9.78
N GLN F 66 -28.91 -2.43 9.18
CA GLN F 66 -28.17 -3.47 9.85
C GLN F 66 -26.74 -3.05 10.03
N ALA F 67 -26.15 -2.39 9.04
CA ALA F 67 -24.79 -1.95 9.19
C ALA F 67 -24.63 -0.94 10.34
N ARG F 68 -25.61 -0.05 10.50
CA ARG F 68 -25.51 0.97 11.53
C ARG F 68 -25.72 0.39 12.92
N VAL F 69 -26.64 -0.54 13.03
CA VAL F 69 -26.92 -1.14 14.31
C VAL F 69 -25.71 -1.93 14.74
N LEU F 70 -25.11 -2.64 13.81
CA LEU F 70 -23.96 -3.46 14.12
C LEU F 70 -22.82 -2.61 14.60
N ALA F 71 -22.58 -1.46 13.96
CA ALA F 71 -21.48 -0.60 14.40
C ALA F 71 -21.69 -0.17 15.84
N VAL F 72 -22.94 0.10 16.22
CA VAL F 72 -23.22 0.49 17.59
C VAL F 72 -22.99 -0.65 18.53
N GLU F 73 -23.43 -1.85 18.18
CA GLU F 73 -23.23 -2.97 19.07
C GLU F 73 -21.76 -3.24 19.30
N HIS F 74 -20.93 -3.10 18.28
CA HIS F 74 -19.53 -3.36 18.49
C HIS F 74 -18.91 -2.32 19.38
N TYR F 75 -19.31 -1.07 19.18
CA TYR F 75 -18.78 0.00 20.00
C TYR F 75 -19.10 -0.27 21.44
N LEU F 76 -20.35 -0.60 21.72
CA LEU F 76 -20.76 -0.79 23.08
C LEU F 76 -20.09 -1.98 23.72
N ARG F 77 -19.84 -3.05 22.99
CA ARG F 77 -19.17 -4.18 23.61
C ARG F 77 -17.76 -3.83 24.03
N ASP F 78 -17.04 -3.03 23.24
CA ASP F 78 -15.70 -2.65 23.70
C ASP F 78 -15.79 -1.80 24.92
N GLN F 79 -16.78 -0.92 24.96
CA GLN F 79 -16.89 -0.05 26.10
C GLN F 79 -17.26 -0.84 27.33
N GLN F 80 -18.05 -1.89 27.16
CA GLN F 80 -18.42 -2.69 28.29
C GLN F 80 -17.21 -3.36 28.89
N LEU F 81 -16.29 -3.85 28.07
CA LEU F 81 -15.11 -4.45 28.65
C LEU F 81 -14.28 -3.45 29.38
N LEU F 82 -14.16 -2.25 28.84
CA LEU F 82 -13.37 -1.29 29.55
C LEU F 82 -14.03 -1.00 30.87
N GLY F 83 -15.34 -0.98 30.91
CA GLY F 83 -16.04 -0.75 32.16
C GLY F 83 -15.75 -1.85 33.17
N ILE F 84 -15.84 -3.10 32.74
CA ILE F 84 -15.63 -4.24 33.60
C ILE F 84 -14.24 -4.28 34.16
N TRP F 85 -13.26 -3.89 33.39
CA TRP F 85 -11.88 -3.86 33.81
C TRP F 85 -11.48 -2.61 34.59
N GLY F 86 -12.41 -1.67 34.80
CA GLY F 86 -12.10 -0.42 35.51
C GLY F 86 -11.40 0.70 34.69
N CYS F 87 -11.54 0.67 33.36
CA CYS F 87 -10.92 1.57 32.38
C CYS F 87 -11.99 2.36 31.63
N SER F 88 -13.14 2.56 32.25
CA SER F 88 -14.27 3.15 31.58
C SER F 88 -14.12 4.54 30.99
N GLY F 89 -13.30 5.37 31.59
CA GLY F 89 -13.13 6.72 31.10
C GLY F 89 -11.79 6.97 30.45
N LYS F 90 -11.05 5.92 30.14
CA LYS F 90 -9.69 6.13 29.68
C LYS F 90 -9.31 5.53 28.33
N LEU F 91 -8.39 6.18 27.62
CA LEU F 91 -7.84 5.55 26.41
C LEU F 91 -6.59 4.78 26.78
N ILE F 92 -5.91 5.20 27.84
CA ILE F 92 -4.75 4.48 28.33
C ILE F 92 -5.07 4.11 29.77
N CYS F 93 -5.04 2.82 30.15
CA CYS F 93 -5.41 2.36 31.48
C CYS F 93 -4.42 1.35 32.05
N CYS F 94 -3.96 1.66 33.24
CA CYS F 94 -2.98 0.82 33.92
C CYS F 94 -3.75 -0.12 34.81
N THR F 95 -3.26 -1.35 34.94
CA THR F 95 -3.94 -2.36 35.74
C THR F 95 -3.00 -2.99 36.72
N ASN F 96 -3.51 -3.95 37.49
CA ASN F 96 -2.70 -4.69 38.46
C ASN F 96 -2.42 -6.12 38.03
N VAL F 97 -2.53 -6.42 36.75
CA VAL F 97 -2.23 -7.76 36.29
C VAL F 97 -0.77 -7.81 35.84
N PRO F 98 0.11 -8.63 36.42
CA PRO F 98 1.49 -8.75 36.05
C PRO F 98 1.61 -9.29 34.67
N TRP F 99 2.60 -8.86 33.95
CA TRP F 99 2.83 -9.39 32.63
C TRP F 99 3.57 -10.71 32.77
N ASN F 100 3.10 -11.75 32.05
CA ASN F 100 3.71 -13.07 32.00
C ASN F 100 4.71 -13.14 30.84
N SER F 101 5.95 -13.61 31.10
CA SER F 101 7.00 -13.78 30.11
C SER F 101 6.61 -14.87 29.12
N SER F 102 5.66 -15.71 29.50
CA SER F 102 5.19 -16.75 28.63
C SER F 102 4.28 -16.19 27.55
N TRP F 103 3.72 -15.00 27.76
CA TRP F 103 2.85 -14.43 26.74
C TRP F 103 3.76 -13.84 25.70
N SER F 104 4.81 -13.18 26.18
CA SER F 104 5.83 -12.62 25.31
C SER F 104 7.09 -12.33 26.06
N ASN F 105 8.13 -13.09 25.79
CA ASN F 105 9.40 -12.90 26.50
C ASN F 105 10.22 -11.91 25.72
N ARG F 106 9.78 -10.68 25.74
CA ARG F 106 10.39 -9.62 24.97
C ARG F 106 10.51 -8.39 25.85
N ASN F 107 11.63 -7.62 25.76
CA ASN F 107 11.84 -6.41 26.56
C ASN F 107 11.12 -5.20 25.97
N LEU F 108 11.07 -4.08 26.74
CA LEU F 108 10.39 -2.85 26.36
C LEU F 108 11.00 -2.17 25.17
N SER F 109 12.31 -2.23 25.03
CA SER F 109 12.87 -1.56 23.88
C SER F 109 12.37 -2.22 22.63
N GLU F 110 12.33 -3.54 22.62
CA GLU F 110 11.84 -4.17 21.41
C GLU F 110 10.37 -3.92 21.19
N ILE F 111 9.56 -3.97 22.23
CA ILE F 111 8.14 -3.82 22.00
C ILE F 111 7.73 -2.43 21.61
N TRP F 112 8.21 -1.43 22.31
CA TRP F 112 7.75 -0.10 22.02
C TRP F 112 8.48 0.61 20.91
N ASP F 113 9.76 0.27 20.66
CA ASP F 113 10.49 0.93 19.60
C ASP F 113 10.68 0.15 18.31
N ASN F 114 10.63 -1.19 18.31
CA ASN F 114 10.90 -1.92 17.09
C ASN F 114 9.73 -2.75 16.56
N MET F 115 8.53 -2.47 17.04
CA MET F 115 7.36 -3.18 16.57
C MET F 115 6.23 -2.24 16.33
N THR F 116 5.35 -2.62 15.42
CA THR F 116 4.13 -1.89 15.15
C THR F 116 3.02 -2.59 15.89
N TRP F 117 1.85 -1.97 16.00
CA TRP F 117 0.75 -2.63 16.71
C TRP F 117 0.23 -3.84 15.97
N LEU F 118 0.33 -3.84 14.65
CA LEU F 118 -0.13 -4.99 13.89
C LEU F 118 0.74 -6.19 14.18
N GLN F 119 2.04 -5.97 14.31
CA GLN F 119 2.94 -7.07 14.57
C GLN F 119 2.74 -7.63 15.95
N TRP F 120 2.54 -6.74 16.90
CA TRP F 120 2.31 -7.12 18.27
C TRP F 120 1.06 -7.90 18.38
N ASP F 121 0.01 -7.45 17.71
CA ASP F 121 -1.23 -8.16 17.79
C ASP F 121 -1.07 -9.58 17.32
N LYS F 122 -0.30 -9.80 16.27
CA LYS F 122 -0.13 -11.18 15.89
C LYS F 122 0.64 -11.96 16.94
N GLU F 123 1.71 -11.38 17.48
CA GLU F 123 2.56 -12.11 18.42
C GLU F 123 1.82 -12.64 19.62
N ILE F 124 0.90 -11.87 20.17
CA ILE F 124 0.21 -12.34 21.35
C ILE F 124 -1.25 -12.64 21.14
N SER F 125 -1.70 -12.89 19.92
CA SER F 125 -3.13 -13.13 19.78
C SER F 125 -3.65 -14.36 20.54
N ASN F 126 -2.79 -15.37 20.80
CA ASN F 126 -3.08 -16.62 21.49
C ASN F 126 -3.45 -16.42 22.97
N TYR F 127 -3.03 -15.30 23.60
CA TYR F 127 -3.20 -15.05 25.01
C TYR F 127 -4.25 -14.02 25.27
N THR F 128 -4.96 -13.59 24.25
CA THR F 128 -5.93 -12.53 24.43
C THR F 128 -6.96 -12.85 25.49
N GLN F 129 -7.46 -14.06 25.51
CA GLN F 129 -8.53 -14.37 26.43
C GLN F 129 -8.03 -14.71 27.81
N ILE F 130 -6.74 -14.88 27.95
CA ILE F 130 -6.20 -15.17 29.25
C ILE F 130 -6.05 -13.85 29.91
N ILE F 131 -5.51 -12.90 29.16
CA ILE F 131 -5.29 -11.60 29.71
C ILE F 131 -6.62 -11.00 30.06
N TYR F 132 -7.61 -11.11 29.18
CA TYR F 132 -8.88 -10.52 29.50
C TYR F 132 -9.49 -11.15 30.74
N GLY F 133 -9.38 -12.46 30.89
CA GLY F 133 -9.96 -13.07 32.07
C GLY F 133 -9.29 -12.57 33.33
N LEU F 134 -7.98 -12.39 33.30
CA LEU F 134 -7.27 -11.89 34.45
C LEU F 134 -7.66 -10.47 34.78
N LEU F 135 -7.88 -9.64 33.77
CA LEU F 135 -8.24 -8.28 34.04
C LEU F 135 -9.58 -8.21 34.74
N GLU F 136 -10.53 -9.02 34.32
CA GLU F 136 -11.82 -9.04 34.96
C GLU F 136 -11.75 -9.49 36.40
N GLU F 137 -10.96 -10.53 36.66
CA GLU F 137 -10.88 -11.00 38.02
C GLU F 137 -10.24 -9.98 38.93
N SER F 138 -9.22 -9.30 38.44
CA SER F 138 -8.57 -8.31 39.25
C SER F 138 -9.53 -7.20 39.62
N GLN F 139 -10.33 -6.72 38.66
CA GLN F 139 -11.24 -5.65 39.00
C GLN F 139 -12.27 -6.10 40.00
N ASN F 140 -12.74 -7.35 39.92
CA ASN F 140 -13.74 -7.75 40.88
C ASN F 140 -13.19 -7.71 42.27
N GLN F 141 -11.94 -8.12 42.43
CA GLN F 141 -11.35 -8.10 43.76
C GLN F 141 -11.17 -6.68 44.24
N GLN F 142 -10.79 -5.79 43.34
CA GLN F 142 -10.61 -4.43 43.74
C GLN F 142 -11.90 -3.80 44.20
N GLU F 143 -13.01 -4.08 43.52
CA GLU F 143 -14.25 -3.46 43.96
C GLU F 143 -14.65 -3.93 45.34
N LYS F 144 -14.43 -5.19 45.65
CA LYS F 144 -14.82 -5.63 46.98
C LYS F 144 -13.96 -4.95 48.01
N ASN F 145 -12.68 -4.77 47.73
CA ASN F 145 -11.85 -4.14 48.71
C ASN F 145 -12.24 -2.70 48.94
N GLU F 146 -12.63 -1.99 47.88
CA GLU F 146 -13.03 -0.61 48.06
C GLU F 146 -14.29 -0.51 48.88
N GLN F 147 -15.24 -1.42 48.64
CA GLN F 147 -16.49 -1.39 49.36
C GLN F 147 -16.25 -1.58 50.82
N ASP F 148 -15.32 -2.45 51.18
CA ASP F 148 -15.07 -2.65 52.58
C ASP F 148 -14.30 -1.52 53.22
N LEU F 149 -13.36 -0.90 52.52
CA LEU F 149 -12.63 0.20 53.14
C LEU F 149 -13.57 1.35 53.46
N LEU F 150 -14.56 1.55 52.62
CA LEU F 150 -15.49 2.63 52.81
C LEU F 150 -16.49 2.36 53.92
N ALA F 151 -16.46 1.16 54.46
CA ALA F 151 -17.30 0.78 55.56
C ALA F 151 -16.52 0.81 56.86
N LEU F 152 -15.26 1.26 56.85
CA LEU F 152 -14.51 1.25 58.10
C LEU F 152 -15.02 2.10 59.25
N ASP F 153 -15.67 3.27 58.99
CA ASP F 153 -16.25 4.17 60.02
C ASP F 153 -15.16 4.80 60.88
#